data_4GBE
#
_entry.id   4GBE
#
_cell.length_a   161.176
_cell.length_b   161.176
_cell.length_c   95.563
_cell.angle_alpha   90.00
_cell.angle_beta   90.00
_cell.angle_gamma   120.00
#
_symmetry.space_group_name_H-M   'P 31 2 1'
#
loop_
_entity.id
_entity.type
_entity.pdbx_description
1 polymer 'DNA adenine methylase'
2 non-polymer S-ADENOSYL-L-HOMOCYSTEINE
3 water water
#
_entity_poly.entity_id   1
_entity_poly.type   'polypeptide(L)'
_entity_poly.pdbx_seq_one_letter_code
;HHHHHHMKKNRAFLKWAGGKYPLLDDIKRHLPKGECLVEPFVGAGSVFLNTDFSRYILADINSDLISLYNIVKMRTDEYV
QAARELFVPETNCAEVYYQFREEFNKSQDPFRRAVLFLYLNRYGYNGLCRYNLRGEFNVPFGRYKKPYFPEAELYHFAEK
AQNAFFYCESYADSMARADDASVVYCDPPYAPLSATANFTAYHTNSFTLEQQAHLAEIAEGLVERHIPVLISNHDTMLTR
EWYQRAKLHVVKVRRSISSNGGTRKKVDELLALYKPGVVSPAKK
;
_entity_poly.pdbx_strand_id   D,E,F
#
# COMPACT_ATOMS: atom_id res chain seq x y z
N LYS A 9 5.67 -4.57 -35.83
CA LYS A 9 5.29 -3.64 -34.71
C LYS A 9 6.28 -2.46 -34.54
N ASN A 10 5.84 -1.25 -34.90
CA ASN A 10 6.68 -0.06 -34.89
C ASN A 10 6.67 0.56 -33.51
N ARG A 11 7.82 1.05 -33.05
CA ARG A 11 7.95 1.62 -31.74
C ARG A 11 7.84 3.15 -31.72
N ALA A 12 7.57 3.65 -30.53
CA ALA A 12 7.39 5.06 -30.25
C ALA A 12 8.73 5.72 -29.97
N PHE A 13 8.93 6.95 -30.38
CA PHE A 13 10.18 7.59 -30.04
C PHE A 13 10.33 7.98 -28.58
N LEU A 14 9.21 8.09 -27.86
CA LEU A 14 9.24 8.44 -26.45
C LEU A 14 9.13 7.27 -25.51
N LYS A 15 9.90 7.24 -24.43
CA LYS A 15 9.58 6.33 -23.33
C LYS A 15 8.39 6.97 -22.62
N TRP A 16 7.37 6.19 -22.35
CA TRP A 16 6.18 6.79 -21.78
C TRP A 16 5.50 5.80 -20.95
N ALA A 17 5.38 6.15 -19.66
CA ALA A 17 4.68 5.36 -18.65
C ALA A 17 3.27 5.22 -19.18
N GLY A 18 2.72 4.01 -19.07
CA GLY A 18 1.54 3.60 -19.82
C GLY A 18 2.03 2.81 -21.01
N GLY A 19 1.98 3.41 -22.21
CA GLY A 19 2.55 2.80 -23.43
C GLY A 19 1.99 1.42 -23.73
N LYS A 20 1.22 1.29 -24.80
CA LYS A 20 0.43 0.05 -24.98
C LYS A 20 1.12 -1.12 -25.75
N TYR A 21 2.41 -0.97 -26.08
CA TYR A 21 3.28 -2.04 -26.64
C TYR A 21 2.90 -3.54 -26.40
N PRO A 22 2.64 -3.96 -25.12
CA PRO A 22 2.33 -5.40 -24.92
C PRO A 22 0.81 -5.65 -24.82
N LEU A 23 0.00 -4.90 -25.55
CA LEU A 23 -1.42 -5.08 -25.41
C LEU A 23 -1.99 -4.90 -26.79
N LEU A 24 -1.12 -4.41 -27.66
CA LEU A 24 -1.43 -4.16 -29.06
C LEU A 24 -2.23 -5.21 -29.77
N ASP A 25 -1.87 -6.49 -29.58
CA ASP A 25 -2.54 -7.58 -30.29
C ASP A 25 -3.99 -7.64 -29.89
N ASP A 26 -4.26 -7.42 -28.60
CA ASP A 26 -5.62 -7.48 -28.11
C ASP A 26 -6.47 -6.27 -28.44
N ILE A 27 -5.86 -5.10 -28.43
CA ILE A 27 -6.55 -3.88 -28.77
C ILE A 27 -7.01 -3.92 -30.20
N LYS A 28 -6.11 -4.30 -31.10
CA LYS A 28 -6.44 -4.38 -32.50
C LYS A 28 -7.49 -5.47 -32.78
N ARG A 29 -7.46 -6.57 -32.03
CA ARG A 29 -8.51 -7.60 -32.15
C ARG A 29 -9.93 -6.99 -31.96
N HIS A 30 -10.11 -6.10 -31.00
CA HIS A 30 -11.43 -5.57 -30.74
C HIS A 30 -11.73 -4.18 -31.33
N LEU A 31 -10.73 -3.49 -31.87
CA LEU A 31 -10.90 -2.12 -32.26
C LEU A 31 -11.61 -1.98 -33.60
N PRO A 32 -12.86 -1.48 -33.66
CA PRO A 32 -13.62 -1.47 -34.92
C PRO A 32 -12.96 -0.64 -35.98
N LYS A 33 -13.44 -0.69 -37.22
CA LYS A 33 -12.71 0.03 -38.26
C LYS A 33 -13.47 1.26 -38.81
N GLY A 34 -12.75 2.21 -39.41
CA GLY A 34 -13.42 3.37 -39.96
C GLY A 34 -12.47 4.31 -40.64
N GLU A 35 -12.98 5.47 -41.02
CA GLU A 35 -12.17 6.52 -41.67
C GLU A 35 -11.10 7.13 -40.76
N CYS A 36 -11.48 7.34 -39.49
CA CYS A 36 -10.76 8.22 -38.60
C CYS A 36 -10.67 7.70 -37.14
N LEU A 37 -9.48 7.76 -36.54
CA LEU A 37 -9.31 7.34 -35.14
C LEU A 37 -9.07 8.55 -34.23
N VAL A 38 -9.94 8.67 -33.20
CA VAL A 38 -9.79 9.70 -32.17
C VAL A 38 -9.12 9.05 -30.96
N GLU A 39 -8.02 9.64 -30.48
CA GLU A 39 -7.39 9.21 -29.24
C GLU A 39 -7.27 10.39 -28.30
N PRO A 40 -8.13 10.42 -27.27
CA PRO A 40 -8.09 11.54 -26.30
C PRO A 40 -6.95 11.40 -25.30
N PHE A 41 -6.32 10.23 -25.19
CA PHE A 41 -5.14 10.11 -24.32
C PHE A 41 -3.92 9.54 -25.08
N VAL A 42 -3.40 10.25 -26.06
CA VAL A 42 -2.52 9.59 -27.03
C VAL A 42 -1.18 9.12 -26.38
N GLY A 43 -0.70 9.89 -25.41
CA GLY A 43 0.55 9.58 -24.75
C GLY A 43 1.59 9.42 -25.83
N ALA A 44 2.26 8.26 -25.80
CA ALA A 44 3.38 7.95 -26.68
C ALA A 44 2.95 7.58 -28.10
N GLY A 45 1.71 7.21 -28.30
CA GLY A 45 1.24 6.96 -29.64
C GLY A 45 1.32 5.53 -30.13
N SER A 46 1.52 4.54 -29.29
CA SER A 46 1.59 3.22 -29.92
C SER A 46 0.38 2.77 -30.73
N VAL A 47 -0.83 3.24 -30.45
CA VAL A 47 -1.97 2.75 -31.23
C VAL A 47 -2.00 3.44 -32.58
N PHE A 48 -1.83 4.75 -32.56
CA PHE A 48 -1.54 5.52 -33.73
C PHE A 48 -0.47 4.80 -34.62
N LEU A 49 0.72 4.56 -34.04
CA LEU A 49 1.85 4.15 -34.83
C LEU A 49 1.61 2.75 -35.39
N ASN A 50 0.58 2.06 -34.93
CA ASN A 50 0.41 0.67 -35.34
C ASN A 50 -0.95 0.29 -35.91
N THR A 51 -1.57 1.20 -36.64
CA THR A 51 -2.88 0.93 -37.22
C THR A 51 -2.85 1.62 -38.56
N ASP A 52 -3.83 1.31 -39.43
CA ASP A 52 -3.86 2.00 -40.71
C ASP A 52 -5.18 2.72 -41.00
N PHE A 53 -5.50 3.73 -40.20
CA PHE A 53 -6.65 4.59 -40.46
C PHE A 53 -6.29 5.65 -41.48
N SER A 54 -7.25 6.03 -42.28
CA SER A 54 -7.05 7.14 -43.18
C SER A 54 -6.69 8.47 -42.48
N ARG A 55 -7.24 8.72 -41.29
CA ARG A 55 -7.03 10.00 -40.56
C ARG A 55 -6.94 9.76 -39.02
N TYR A 56 -6.29 10.66 -38.31
CA TYR A 56 -6.18 10.55 -36.86
C TYR A 56 -6.49 11.89 -36.26
N ILE A 57 -7.24 11.91 -35.17
CA ILE A 57 -7.29 13.05 -34.31
C ILE A 57 -6.68 12.66 -32.97
N LEU A 58 -5.63 13.38 -32.57
CA LEU A 58 -4.80 12.95 -31.44
C LEU A 58 -4.66 14.06 -30.35
N ALA A 59 -4.98 13.70 -29.11
CA ALA A 59 -5.09 14.73 -28.07
C ALA A 59 -4.56 14.29 -26.74
N ASP A 60 -4.14 15.28 -25.92
CA ASP A 60 -3.58 15.02 -24.60
C ASP A 60 -3.60 16.34 -23.76
N ILE A 61 -3.77 16.19 -22.46
CA ILE A 61 -3.75 17.31 -21.58
C ILE A 61 -2.34 17.90 -21.53
N ASN A 62 -1.31 17.12 -21.88
CA ASN A 62 0.10 17.50 -21.64
C ASN A 62 0.63 18.42 -22.73
N SER A 63 0.85 19.69 -22.46
CA SER A 63 1.14 20.57 -23.59
C SER A 63 2.59 20.52 -24.06
N ASP A 64 3.49 19.99 -23.25
CA ASP A 64 4.84 19.76 -23.71
C ASP A 64 4.82 18.66 -24.81
N LEU A 65 4.04 17.61 -24.57
CA LEU A 65 3.85 16.53 -25.49
C LEU A 65 3.30 17.00 -26.82
N ILE A 66 2.21 17.76 -26.77
CA ILE A 66 1.52 18.10 -27.99
C ILE A 66 2.30 19.10 -28.80
N SER A 67 2.98 20.00 -28.14
CA SER A 67 3.76 20.96 -28.87
C SER A 67 4.94 20.23 -29.59
N LEU A 68 5.61 19.28 -28.91
CA LEU A 68 6.61 18.44 -29.52
C LEU A 68 6.08 17.73 -30.77
N TYR A 69 4.95 17.02 -30.64
CA TYR A 69 4.35 16.39 -31.80
C TYR A 69 4.12 17.36 -32.99
N ASN A 70 3.66 18.60 -32.75
CA ASN A 70 3.44 19.49 -33.88
C ASN A 70 4.76 19.90 -34.56
N ILE A 71 5.79 20.01 -33.76
CA ILE A 71 7.09 20.28 -34.31
C ILE A 71 7.67 19.11 -35.13
N VAL A 72 7.49 17.89 -34.66
CA VAL A 72 7.94 16.72 -35.40
C VAL A 72 7.16 16.50 -36.70
N LYS A 73 5.91 16.92 -36.73
CA LYS A 73 5.13 16.84 -37.94
C LYS A 73 5.54 17.93 -38.96
N MET A 74 5.71 19.17 -38.49
CA MET A 74 5.93 20.35 -39.35
C MET A 74 7.38 20.62 -39.70
N ARG A 75 8.33 20.38 -38.78
CA ARG A 75 9.75 20.69 -39.07
C ARG A 75 10.67 19.51 -38.88
N THR A 76 10.34 18.38 -39.49
CA THR A 76 11.06 17.16 -39.20
C THR A 76 12.58 17.21 -39.19
N ASP A 77 13.24 17.36 -40.35
CA ASP A 77 14.73 17.35 -40.41
C ASP A 77 15.39 18.38 -39.50
N GLU A 78 14.88 19.62 -39.47
CA GLU A 78 15.40 20.64 -38.56
C GLU A 78 15.42 20.10 -37.12
N TYR A 79 14.32 19.50 -36.71
CA TYR A 79 14.19 18.90 -35.39
C TYR A 79 15.19 17.76 -35.14
N VAL A 80 15.30 16.85 -36.10
CA VAL A 80 16.21 15.69 -35.92
C VAL A 80 17.66 16.11 -35.78
N GLN A 81 18.07 17.03 -36.61
CA GLN A 81 19.36 17.56 -36.50
C GLN A 81 19.64 18.21 -35.16
N ALA A 82 18.77 19.12 -34.68
CA ALA A 82 19.07 19.79 -33.40
C ALA A 82 18.97 18.85 -32.17
N ALA A 83 18.08 17.88 -32.20
CA ALA A 83 18.01 16.90 -31.13
C ALA A 83 19.19 15.94 -31.08
N ARG A 84 19.79 15.66 -32.22
CA ARG A 84 20.81 14.61 -32.26
C ARG A 84 22.10 15.09 -31.55
N GLU A 85 22.35 16.37 -31.62
CA GLU A 85 23.44 17.00 -30.91
C GLU A 85 23.37 16.81 -29.38
N LEU A 86 22.16 16.76 -28.80
CA LEU A 86 22.07 16.56 -27.37
C LEU A 86 22.48 15.12 -26.98
N PHE A 87 22.72 14.23 -27.98
CA PHE A 87 23.05 12.86 -27.66
C PHE A 87 24.55 12.44 -27.82
N VAL A 88 25.46 13.40 -27.95
CA VAL A 88 26.87 13.13 -28.09
C VAL A 88 27.38 12.74 -26.68
N PRO A 89 28.60 12.16 -26.58
CA PRO A 89 28.77 11.53 -25.23
C PRO A 89 29.11 12.55 -24.12
N GLU A 90 29.53 13.75 -24.50
CA GLU A 90 29.75 14.87 -23.56
C GLU A 90 28.50 15.30 -22.69
N THR A 91 27.29 14.95 -23.12
CA THR A 91 26.10 15.27 -22.38
C THR A 91 25.66 14.25 -21.36
N ASN A 92 26.39 13.14 -21.20
CA ASN A 92 25.89 12.02 -20.38
C ASN A 92 26.48 12.06 -18.98
N CYS A 93 26.35 13.20 -18.31
CA CYS A 93 26.67 13.27 -16.87
C CYS A 93 25.68 14.21 -16.11
N ALA A 94 25.70 14.08 -14.77
CA ALA A 94 24.76 14.80 -13.90
C ALA A 94 24.83 16.32 -14.11
N GLU A 95 26.03 16.88 -14.24
CA GLU A 95 26.12 18.31 -14.39
C GLU A 95 25.40 18.76 -15.63
N VAL A 96 25.46 17.97 -16.68
CA VAL A 96 24.85 18.43 -17.91
C VAL A 96 23.37 18.23 -17.79
N TYR A 97 22.99 17.08 -17.26
CA TYR A 97 21.56 16.79 -17.16
C TYR A 97 20.81 17.90 -16.38
N TYR A 98 21.31 18.30 -15.20
CA TYR A 98 20.72 19.38 -14.41
C TYR A 98 20.81 20.69 -15.15
N GLN A 99 21.90 21.00 -15.81
CA GLN A 99 21.94 22.23 -16.54
C GLN A 99 20.85 22.27 -17.65
N PHE A 100 20.58 21.12 -18.29
CA PHE A 100 19.62 21.09 -19.39
C PHE A 100 18.21 21.15 -18.82
N ARG A 101 17.99 20.45 -17.71
CA ARG A 101 16.69 20.56 -17.02
C ARG A 101 16.35 22.04 -16.64
N GLU A 102 17.33 22.72 -16.07
CA GLU A 102 17.13 24.10 -15.78
C GLU A 102 16.90 24.91 -17.08
N GLU A 103 17.73 24.72 -18.13
CA GLU A 103 17.53 25.45 -19.36
C GLU A 103 16.09 25.26 -19.89
N PHE A 104 15.53 24.08 -19.68
CA PHE A 104 14.25 23.75 -20.24
C PHE A 104 13.17 24.53 -19.46
N ASN A 105 13.18 24.41 -18.14
CA ASN A 105 12.22 25.10 -17.30
C ASN A 105 12.22 26.64 -17.47
N LYS A 106 13.36 27.27 -17.85
CA LYS A 106 13.42 28.72 -18.06
C LYS A 106 13.09 29.19 -19.48
N SER A 107 13.03 28.26 -20.43
CA SER A 107 12.92 28.65 -21.83
C SER A 107 11.51 29.05 -22.21
N GLN A 108 11.37 29.98 -23.15
CA GLN A 108 10.04 30.32 -23.64
C GLN A 108 9.92 29.98 -25.10
N ASP A 109 10.93 29.34 -25.67
CA ASP A 109 10.93 29.00 -27.06
C ASP A 109 10.43 27.52 -27.28
N PRO A 110 9.30 27.34 -27.97
CA PRO A 110 8.79 26.02 -28.14
C PRO A 110 9.79 25.07 -28.78
N PHE A 111 10.45 25.48 -29.86
CA PHE A 111 11.36 24.60 -30.57
C PHE A 111 12.53 24.12 -29.67
N ARG A 112 13.31 25.01 -29.08
CA ARG A 112 14.32 24.57 -28.08
C ARG A 112 13.76 23.61 -26.96
N ARG A 113 12.66 24.03 -26.33
CA ARG A 113 11.91 23.19 -25.38
C ARG A 113 11.59 21.80 -25.94
N ALA A 114 11.18 21.70 -27.21
CA ALA A 114 10.94 20.36 -27.79
C ALA A 114 12.25 19.51 -27.95
N VAL A 115 13.36 20.18 -28.26
CA VAL A 115 14.66 19.52 -28.37
C VAL A 115 15.09 18.97 -27.00
N LEU A 116 15.19 19.82 -25.99
CA LEU A 116 15.48 19.47 -24.58
C LEU A 116 14.56 18.40 -23.99
N PHE A 117 13.27 18.43 -24.31
CA PHE A 117 12.30 17.42 -23.84
C PHE A 117 12.67 15.99 -24.24
N LEU A 118 13.23 15.77 -25.43
CA LEU A 118 13.68 14.43 -25.84
C LEU A 118 14.90 14.00 -25.07
N TYR A 119 15.79 14.94 -24.83
CA TYR A 119 16.95 14.61 -24.02
C TYR A 119 16.48 14.12 -22.63
N LEU A 120 15.57 14.89 -21.99
CA LEU A 120 15.13 14.59 -20.64
C LEU A 120 14.30 13.30 -20.67
N ASN A 121 13.54 13.11 -21.75
CA ASN A 121 12.80 11.86 -21.82
C ASN A 121 13.76 10.67 -21.77
N ARG A 122 14.96 10.78 -22.35
CA ARG A 122 15.81 9.58 -22.60
C ARG A 122 16.97 9.45 -21.62
N TYR A 123 17.28 10.57 -20.97
CA TYR A 123 18.29 10.62 -19.91
C TYR A 123 17.79 10.65 -18.43
N GLY A 124 16.49 10.77 -18.21
CA GLY A 124 15.99 11.01 -16.88
C GLY A 124 15.52 9.73 -16.29
N TYR A 125 15.38 9.71 -14.97
CA TYR A 125 15.02 8.53 -14.20
C TYR A 125 13.76 7.81 -14.68
N ASN A 126 13.92 6.58 -15.12
CA ASN A 126 12.82 5.75 -15.64
C ASN A 126 12.00 6.35 -16.74
N GLY A 127 12.48 7.35 -17.43
CA GLY A 127 11.67 7.95 -18.48
C GLY A 127 10.37 8.59 -18.01
N LEU A 128 10.33 8.96 -16.72
CA LEU A 128 9.17 9.67 -16.22
C LEU A 128 8.99 11.09 -16.84
N CYS A 129 7.77 11.60 -16.75
CA CYS A 129 7.48 12.96 -17.06
C CYS A 129 6.70 13.51 -15.86
N ARG A 130 7.35 14.22 -14.94
CA ARG A 130 6.68 14.72 -13.73
C ARG A 130 7.00 16.21 -13.45
N TYR A 131 6.04 16.92 -12.87
CA TYR A 131 6.21 18.35 -12.59
C TYR A 131 6.01 18.65 -11.08
N ASN A 132 6.84 19.51 -10.48
CA ASN A 132 6.53 19.88 -9.10
C ASN A 132 5.32 20.87 -9.05
N LEU A 133 5.00 21.37 -7.86
CA LEU A 133 3.89 22.33 -7.69
C LEU A 133 4.13 23.69 -8.36
N ARG A 134 5.38 24.05 -8.65
CA ARG A 134 5.57 25.29 -9.40
C ARG A 134 5.46 25.06 -10.90
N GLY A 135 5.00 23.89 -11.33
CA GLY A 135 5.01 23.61 -12.79
C GLY A 135 6.37 23.24 -13.48
N GLU A 136 7.50 23.19 -12.78
CA GLU A 136 8.76 22.79 -13.36
C GLU A 136 8.91 21.28 -13.45
N PHE A 137 9.50 20.86 -14.59
CA PHE A 137 9.87 19.46 -14.86
C PHE A 137 10.86 19.04 -13.76
N ASN A 138 10.52 18.03 -13.00
CA ASN A 138 11.35 17.70 -11.86
C ASN A 138 11.91 16.24 -11.75
N VAL A 139 12.05 15.51 -12.87
CA VAL A 139 12.56 14.11 -12.81
C VAL A 139 14.08 14.23 -12.66
N PRO A 140 14.74 13.42 -11.81
CA PRO A 140 16.20 13.48 -11.64
C PRO A 140 16.94 12.67 -12.69
N PHE A 141 18.29 12.69 -12.62
CA PHE A 141 19.20 11.99 -13.55
C PHE A 141 19.07 10.51 -13.45
N GLY A 142 18.88 9.83 -14.60
CA GLY A 142 18.64 8.36 -14.63
C GLY A 142 19.90 7.53 -14.59
N ARG A 143 21.05 8.19 -14.68
CA ARG A 143 22.34 7.45 -14.93
C ARG A 143 22.28 6.09 -15.82
N TYR A 144 21.78 6.23 -17.04
CA TYR A 144 21.95 5.20 -18.10
C TYR A 144 23.34 5.28 -18.79
N LYS A 145 23.88 4.10 -19.04
CA LYS A 145 25.16 3.87 -19.75
C LYS A 145 25.19 4.47 -21.15
N LYS A 146 24.13 4.33 -21.96
CA LYS A 146 24.19 4.80 -23.34
C LYS A 146 22.78 4.84 -23.85
N PRO A 147 22.14 6.00 -23.72
CA PRO A 147 20.79 6.08 -24.28
C PRO A 147 20.83 6.12 -25.81
N TYR A 148 19.75 5.57 -26.36
CA TYR A 148 19.49 5.40 -27.74
C TYR A 148 18.86 6.68 -28.32
N PHE A 149 19.45 7.29 -29.35
CA PHE A 149 18.77 8.38 -30.02
C PHE A 149 17.73 7.77 -30.98
N PRO A 150 16.41 8.09 -30.83
CA PRO A 150 15.45 7.31 -31.63
C PRO A 150 15.17 7.88 -33.05
N GLU A 151 16.25 8.07 -33.81
CA GLU A 151 16.15 8.58 -35.19
C GLU A 151 15.18 7.78 -36.13
N ALA A 152 15.18 6.45 -36.17
CA ALA A 152 14.25 5.82 -37.14
C ALA A 152 12.81 6.08 -36.73
N GLU A 153 12.54 5.84 -35.45
CA GLU A 153 11.25 6.14 -34.80
C GLU A 153 10.73 7.58 -35.01
N LEU A 154 11.59 8.59 -34.83
CA LEU A 154 11.21 9.95 -35.24
C LEU A 154 10.73 10.02 -36.66
N TYR A 155 11.54 9.61 -37.65
CA TYR A 155 11.07 9.70 -39.07
C TYR A 155 9.77 8.93 -39.29
N HIS A 156 9.62 7.79 -38.67
CA HIS A 156 8.39 7.04 -38.81
C HIS A 156 7.21 7.85 -38.25
N PHE A 157 7.40 8.44 -37.06
CA PHE A 157 6.35 9.20 -36.43
C PHE A 157 5.92 10.37 -37.33
N ALA A 158 6.87 11.12 -37.87
CA ALA A 158 6.56 12.18 -38.83
C ALA A 158 5.87 11.73 -40.14
N GLU A 159 6.18 10.54 -40.62
CA GLU A 159 5.56 10.15 -41.88
C GLU A 159 4.07 9.94 -41.56
N LYS A 160 3.80 9.16 -40.54
CA LYS A 160 2.45 9.03 -40.04
C LYS A 160 1.73 10.32 -39.56
N ALA A 161 2.47 11.24 -38.98
CA ALA A 161 1.84 12.48 -38.53
C ALA A 161 1.19 13.29 -39.66
N GLN A 162 1.52 12.96 -40.92
CA GLN A 162 1.03 13.75 -42.08
C GLN A 162 -0.47 13.56 -42.26
N ASN A 163 -1.02 12.49 -41.70
CA ASN A 163 -2.44 12.30 -41.70
C ASN A 163 -3.07 12.50 -40.34
N ALA A 164 -2.48 13.36 -39.51
CA ALA A 164 -2.96 13.46 -38.16
C ALA A 164 -3.07 14.93 -37.74
N PHE A 165 -4.08 15.24 -36.91
CA PHE A 165 -4.14 16.50 -36.20
C PHE A 165 -3.88 16.29 -34.73
N PHE A 166 -3.13 17.20 -34.13
CA PHE A 166 -2.81 17.10 -32.73
C PHE A 166 -3.42 18.25 -31.94
N TYR A 167 -4.05 17.95 -30.80
CA TYR A 167 -4.65 18.96 -29.96
C TYR A 167 -4.29 18.84 -28.51
N CYS A 168 -3.96 19.98 -27.90
CA CYS A 168 -3.76 19.99 -26.46
C CYS A 168 -5.04 20.42 -25.70
N GLU A 169 -5.79 19.46 -25.16
CA GLU A 169 -7.15 19.68 -24.62
C GLU A 169 -7.61 18.44 -23.86
N SER A 170 -8.52 18.63 -22.90
CA SER A 170 -9.07 17.58 -22.05
C SER A 170 -10.02 16.66 -22.78
N TYR A 171 -10.14 15.42 -22.31
CA TYR A 171 -10.88 14.38 -23.00
C TYR A 171 -12.26 14.78 -23.49
N ALA A 172 -13.11 15.44 -22.70
CA ALA A 172 -14.42 15.85 -23.24
C ALA A 172 -14.31 16.64 -24.52
N ASP A 173 -13.38 17.60 -24.63
CA ASP A 173 -13.33 18.37 -25.90
C ASP A 173 -12.83 17.55 -27.10
N SER A 174 -11.93 16.59 -26.89
CA SER A 174 -11.41 15.85 -28.03
C SER A 174 -12.45 14.81 -28.44
N MET A 175 -13.09 14.20 -27.45
CA MET A 175 -14.22 13.28 -27.73
C MET A 175 -15.39 13.93 -28.43
N ALA A 176 -15.62 15.23 -28.25
CA ALA A 176 -16.66 15.89 -29.03
C ALA A 176 -16.33 16.03 -30.51
N ARG A 177 -15.09 15.81 -30.95
CA ARG A 177 -14.82 16.05 -32.38
C ARG A 177 -15.10 14.81 -33.23
N ALA A 178 -15.35 13.67 -32.59
CA ALA A 178 -15.75 12.45 -33.28
C ALA A 178 -17.02 12.71 -34.09
N ASP A 179 -17.15 12.00 -35.24
CA ASP A 179 -18.40 11.92 -36.01
C ASP A 179 -18.71 10.48 -36.46
N ASP A 180 -19.73 10.29 -37.29
CA ASP A 180 -20.17 8.90 -37.62
C ASP A 180 -19.11 8.11 -38.40
N ALA A 181 -18.14 8.81 -39.01
CA ALA A 181 -16.93 8.18 -39.63
C ALA A 181 -15.78 7.82 -38.65
N SER A 182 -15.91 8.14 -37.38
CA SER A 182 -14.83 7.94 -36.41
C SER A 182 -14.95 6.66 -35.59
N VAL A 183 -13.80 6.25 -35.04
CA VAL A 183 -13.71 5.33 -33.94
C VAL A 183 -12.89 6.02 -32.81
N VAL A 184 -13.15 5.64 -31.58
CA VAL A 184 -12.60 6.37 -30.48
C VAL A 184 -11.99 5.35 -29.56
N TYR A 185 -10.66 5.51 -29.34
CA TYR A 185 -9.91 4.66 -28.46
C TYR A 185 -9.36 5.40 -27.23
N CYS A 186 -9.77 4.94 -26.03
CA CYS A 186 -9.44 5.66 -24.79
C CYS A 186 -8.50 4.87 -23.96
N ASP A 187 -7.42 5.55 -23.57
CA ASP A 187 -6.39 4.94 -22.70
C ASP A 187 -6.11 5.91 -21.53
N PRO A 188 -7.10 6.10 -20.63
CA PRO A 188 -7.08 7.11 -19.52
C PRO A 188 -6.04 6.64 -18.50
N PRO A 189 -5.56 7.54 -17.59
CA PRO A 189 -4.66 7.05 -16.52
C PRO A 189 -5.37 5.97 -15.71
N TYR A 190 -4.64 4.92 -15.35
CA TYR A 190 -5.23 3.73 -14.76
C TYR A 190 -6.10 4.05 -13.52
N ALA A 191 -7.21 3.33 -13.38
CA ALA A 191 -7.94 3.21 -12.09
C ALA A 191 -7.04 2.65 -10.97
N PRO A 192 -7.32 3.03 -9.72
CA PRO A 192 -6.43 2.59 -8.61
C PRO A 192 -6.65 1.14 -8.14
N LEU A 193 -5.71 0.60 -7.37
CA LEU A 193 -5.84 -0.74 -6.75
C LEU A 193 -6.07 -0.72 -5.21
N ASN A 205 -2.91 17.23 -8.52
CA ASN A 205 -3.96 17.33 -9.55
C ASN A 205 -4.01 16.14 -10.58
N SER A 206 -3.93 14.90 -10.09
CA SER A 206 -4.04 13.73 -10.99
C SER A 206 -5.51 13.54 -11.49
N PHE A 207 -5.79 12.45 -12.21
CA PHE A 207 -7.07 12.14 -12.88
C PHE A 207 -8.01 11.42 -11.87
N THR A 208 -9.16 12.05 -11.54
CA THR A 208 -10.06 11.56 -10.46
C THR A 208 -11.12 10.53 -10.84
N LEU A 209 -11.76 9.97 -9.80
CA LEU A 209 -12.87 9.04 -10.01
C LEU A 209 -14.05 9.70 -10.70
N GLU A 210 -14.29 10.98 -10.43
CA GLU A 210 -15.36 11.70 -11.09
C GLU A 210 -15.09 11.67 -12.61
N GLN A 211 -13.85 11.99 -13.00
CA GLN A 211 -13.43 11.93 -14.37
C GLN A 211 -13.49 10.47 -14.91
N GLN A 212 -13.08 9.47 -14.15
CA GLN A 212 -13.21 8.11 -14.65
C GLN A 212 -14.65 7.82 -15.04
N ALA A 213 -15.61 8.08 -14.15
CA ALA A 213 -17.02 7.88 -14.53
C ALA A 213 -17.53 8.81 -15.63
N HIS A 214 -17.08 10.05 -15.63
CA HIS A 214 -17.49 10.97 -16.71
C HIS A 214 -17.14 10.42 -18.10
N LEU A 215 -15.93 9.86 -18.24
CA LEU A 215 -15.47 9.22 -19.47
C LEU A 215 -16.47 8.14 -20.01
N ALA A 216 -16.83 7.18 -19.15
CA ALA A 216 -17.85 6.16 -19.47
C ALA A 216 -19.16 6.80 -19.89
N GLU A 217 -19.58 7.80 -19.15
CA GLU A 217 -20.83 8.44 -19.53
C GLU A 217 -20.73 9.11 -20.92
N ILE A 218 -19.61 9.79 -21.21
CA ILE A 218 -19.42 10.33 -22.58
C ILE A 218 -19.46 9.23 -23.68
N ALA A 219 -18.82 8.09 -23.42
CA ALA A 219 -18.89 6.89 -24.31
C ALA A 219 -20.32 6.51 -24.61
N GLU A 220 -21.08 6.13 -23.58
CA GLU A 220 -22.56 5.91 -23.73
C GLU A 220 -23.26 6.86 -24.70
N GLY A 221 -23.00 8.16 -24.58
CA GLY A 221 -23.55 9.14 -25.50
C GLY A 221 -23.13 8.94 -26.93
N LEU A 222 -21.84 8.60 -27.14
CA LEU A 222 -21.29 8.41 -28.51
C LEU A 222 -21.83 7.16 -29.19
N VAL A 223 -21.97 6.06 -28.44
CA VAL A 223 -22.44 4.79 -29.03
C VAL A 223 -23.88 4.92 -29.49
N GLU A 224 -24.65 5.77 -28.80
CA GLU A 224 -25.97 6.09 -29.27
C GLU A 224 -25.98 6.95 -30.56
N ARG A 225 -25.01 7.85 -30.74
CA ARG A 225 -24.97 8.57 -32.03
C ARG A 225 -24.30 7.71 -33.09
N HIS A 226 -24.03 6.45 -32.75
CA HIS A 226 -23.52 5.43 -33.67
C HIS A 226 -21.98 5.44 -33.88
N ILE A 227 -21.24 5.93 -32.90
CA ILE A 227 -19.79 6.04 -33.00
C ILE A 227 -19.16 5.06 -32.02
N PRO A 228 -18.43 4.02 -32.49
CA PRO A 228 -17.88 3.02 -31.55
C PRO A 228 -16.74 3.56 -30.64
N VAL A 229 -16.58 2.95 -29.46
CA VAL A 229 -15.59 3.41 -28.51
C VAL A 229 -15.00 2.20 -27.84
N LEU A 230 -13.69 2.16 -27.72
CA LEU A 230 -13.03 1.08 -26.99
C LEU A 230 -12.26 1.75 -25.87
N ILE A 231 -12.49 1.32 -24.64
CA ILE A 231 -11.77 1.88 -23.49
C ILE A 231 -10.96 0.80 -22.84
N SER A 232 -9.79 1.16 -22.34
CA SER A 232 -8.84 0.20 -21.77
C SER A 232 -8.48 0.63 -20.33
N ASN A 233 -8.43 -0.30 -19.39
CA ASN A 233 -8.17 0.05 -17.98
C ASN A 233 -7.77 -1.23 -17.20
N HIS A 234 -7.38 -1.09 -15.94
CA HIS A 234 -7.31 -2.26 -15.05
C HIS A 234 -8.68 -2.94 -14.89
N ASP A 235 -8.67 -4.22 -14.51
CA ASP A 235 -9.88 -4.93 -14.11
C ASP A 235 -10.12 -4.83 -12.59
N THR A 236 -11.07 -3.98 -12.17
CA THR A 236 -11.43 -3.85 -10.76
C THR A 236 -12.92 -3.73 -10.59
N MET A 237 -13.35 -3.84 -9.33
CA MET A 237 -14.74 -3.58 -9.00
C MET A 237 -15.27 -2.26 -9.55
N LEU A 238 -14.45 -1.21 -9.57
CA LEU A 238 -14.93 0.07 -10.04
C LEU A 238 -14.98 0.18 -11.56
N THR A 239 -14.08 -0.52 -12.24
CA THR A 239 -14.10 -0.39 -13.68
C THR A 239 -15.26 -1.16 -14.27
N ARG A 240 -15.60 -2.32 -13.70
CA ARG A 240 -16.78 -3.05 -14.22
C ARG A 240 -18.05 -2.31 -13.91
N GLU A 241 -18.04 -1.49 -12.86
CA GLU A 241 -19.19 -0.65 -12.56
C GLU A 241 -19.35 0.49 -13.59
N TRP A 242 -18.31 1.31 -13.76
CA TRP A 242 -18.29 2.36 -14.75
C TRP A 242 -18.67 1.86 -16.11
N TYR A 243 -18.00 0.80 -16.58
CA TYR A 243 -18.22 0.34 -17.96
C TYR A 243 -19.36 -0.74 -18.13
N GLN A 244 -20.29 -0.82 -17.17
CA GLN A 244 -21.36 -1.84 -17.15
C GLN A 244 -22.20 -2.02 -18.43
N ARG A 245 -22.32 -0.99 -19.24
CA ARG A 245 -23.09 -1.08 -20.47
C ARG A 245 -22.26 -1.40 -21.71
N ALA A 246 -21.07 -1.94 -21.52
CA ALA A 246 -20.21 -2.30 -22.64
C ALA A 246 -19.97 -3.81 -22.60
N LYS A 247 -19.61 -4.41 -23.73
CA LYS A 247 -19.14 -5.78 -23.75
C LYS A 247 -17.75 -5.78 -23.14
N LEU A 248 -17.51 -6.66 -22.19
CA LEU A 248 -16.20 -6.61 -21.52
C LEU A 248 -15.29 -7.77 -21.87
N HIS A 249 -14.01 -7.51 -22.10
CA HIS A 249 -13.08 -8.62 -22.36
C HIS A 249 -11.97 -8.53 -21.35
N VAL A 250 -11.63 -9.65 -20.72
CA VAL A 250 -10.51 -9.68 -19.76
C VAL A 250 -9.25 -10.16 -20.45
N VAL A 251 -8.09 -9.70 -20.01
CA VAL A 251 -6.84 -9.94 -20.70
C VAL A 251 -5.65 -10.05 -19.70
N LYS A 252 -4.72 -10.97 -19.95
CA LYS A 252 -3.50 -11.11 -19.11
C LYS A 252 -2.20 -10.93 -19.91
N VAL A 267 -1.58 -8.42 -12.41
CA VAL A 267 -2.87 -7.69 -12.54
C VAL A 267 -3.45 -7.67 -13.99
N ASP A 268 -4.75 -7.92 -14.08
CA ASP A 268 -5.49 -8.09 -15.35
C ASP A 268 -5.83 -6.78 -16.08
N GLU A 269 -5.95 -6.85 -17.38
CA GLU A 269 -6.37 -5.70 -18.13
C GLU A 269 -7.80 -5.94 -18.58
N LEU A 270 -8.52 -4.87 -18.89
CA LEU A 270 -9.90 -5.01 -19.33
C LEU A 270 -10.09 -4.16 -20.56
N LEU A 271 -10.91 -4.61 -21.48
CA LEU A 271 -11.23 -3.80 -22.62
C LEU A 271 -12.72 -3.68 -22.72
N ALA A 272 -13.19 -2.44 -22.65
CA ALA A 272 -14.59 -2.15 -22.68
C ALA A 272 -14.98 -1.71 -24.07
N LEU A 273 -15.83 -2.47 -24.75
CA LEU A 273 -16.21 -2.10 -26.09
C LEU A 273 -17.69 -1.74 -26.23
N TYR A 274 -17.91 -0.57 -26.79
CA TYR A 274 -19.24 -0.05 -26.93
C TYR A 274 -19.56 -0.18 -28.40
N LYS A 275 -20.21 -1.31 -28.82
CA LYS A 275 -20.51 -1.52 -30.26
C LYS A 275 -21.85 -0.93 -30.59
N PRO A 276 -21.94 -0.12 -31.65
CA PRO A 276 -23.32 0.10 -32.06
C PRO A 276 -23.86 -1.14 -32.75
N LYS B 9 -18.53 -31.83 6.94
CA LYS B 9 -18.38 -30.35 7.24
C LYS B 9 -19.28 -29.41 6.41
N ASN B 10 -20.20 -28.70 7.06
CA ASN B 10 -21.25 -27.89 6.39
C ASN B 10 -20.88 -26.51 5.90
N ARG B 11 -21.35 -26.20 4.69
CA ARG B 11 -21.11 -24.91 4.06
C ARG B 11 -22.22 -23.92 4.28
N ALA B 12 -21.88 -22.65 4.11
CA ALA B 12 -22.81 -21.55 4.28
C ALA B 12 -23.49 -21.33 2.95
N PHE B 13 -24.75 -20.98 2.97
CA PHE B 13 -25.46 -20.79 1.74
C PHE B 13 -25.05 -19.48 1.04
N LEU B 14 -24.52 -18.52 1.81
CA LEU B 14 -23.94 -17.29 1.23
C LEU B 14 -22.40 -17.31 0.95
N LYS B 15 -21.94 -16.76 -0.16
CA LYS B 15 -20.50 -16.44 -0.32
C LYS B 15 -20.23 -15.21 0.54
N TRP B 16 -19.23 -15.26 1.39
CA TRP B 16 -19.04 -14.14 2.31
C TRP B 16 -17.57 -13.84 2.64
N ALA B 17 -17.14 -12.62 2.31
CA ALA B 17 -15.75 -12.15 2.54
C ALA B 17 -15.28 -12.40 4.00
N GLY B 18 -14.23 -13.21 4.16
CA GLY B 18 -13.73 -13.57 5.49
C GLY B 18 -14.58 -14.63 6.16
N GLY B 19 -15.38 -15.36 5.36
CA GLY B 19 -16.01 -16.63 5.79
C GLY B 19 -14.98 -17.56 6.45
N LYS B 20 -15.38 -18.14 7.57
CA LYS B 20 -14.48 -18.93 8.42
C LYS B 20 -14.39 -20.45 8.16
N TYR B 21 -14.88 -20.91 7.00
CA TYR B 21 -14.79 -22.33 6.61
C TYR B 21 -13.36 -22.95 6.62
N PRO B 22 -12.33 -22.18 6.19
CA PRO B 22 -10.97 -22.74 6.21
C PRO B 22 -10.39 -22.87 7.59
N LEU B 23 -10.93 -22.12 8.54
CA LEU B 23 -10.34 -21.99 9.87
C LEU B 23 -11.06 -22.76 10.95
N LEU B 24 -12.01 -23.59 10.55
CA LEU B 24 -12.88 -24.26 11.51
C LEU B 24 -12.22 -25.20 12.53
N ASP B 25 -11.20 -25.95 12.06
CA ASP B 25 -10.44 -26.89 12.93
C ASP B 25 -9.73 -26.19 14.10
N ASP B 26 -9.12 -25.04 13.75
CA ASP B 26 -8.48 -24.18 14.72
C ASP B 26 -9.49 -23.55 15.71
N ILE B 27 -10.59 -23.01 15.17
CA ILE B 27 -11.64 -22.45 16.01
C ILE B 27 -12.30 -23.47 16.97
N LYS B 28 -12.70 -24.64 16.45
CA LYS B 28 -13.26 -25.71 17.32
C LYS B 28 -12.24 -26.17 18.38
N ARG B 29 -10.96 -26.23 18.03
CA ARG B 29 -9.98 -26.67 19.01
C ARG B 29 -10.01 -25.72 20.19
N HIS B 30 -10.15 -24.43 19.91
CA HIS B 30 -10.02 -23.46 20.99
C HIS B 30 -11.29 -22.98 21.68
N LEU B 31 -12.42 -23.21 21.02
CA LEU B 31 -13.72 -22.70 21.45
C LEU B 31 -14.30 -23.46 22.65
N PRO B 32 -14.41 -22.86 23.84
CA PRO B 32 -14.96 -23.60 24.99
C PRO B 32 -16.37 -24.13 24.78
N LYS B 33 -16.86 -24.92 25.74
CA LYS B 33 -18.16 -25.55 25.71
C LYS B 33 -19.11 -24.80 26.62
N GLY B 34 -20.41 -24.84 26.30
CA GLY B 34 -21.47 -24.23 27.10
C GLY B 34 -22.80 -24.56 26.47
N GLU B 35 -23.88 -24.10 27.12
CA GLU B 35 -25.25 -24.20 26.58
C GLU B 35 -25.61 -23.29 25.38
N CYS B 36 -25.11 -22.05 25.36
CA CYS B 36 -25.46 -21.04 24.34
C CYS B 36 -24.21 -20.46 23.63
N LEU B 37 -24.28 -20.23 22.33
CA LEU B 37 -23.18 -19.56 21.66
C LEU B 37 -23.68 -18.22 21.12
N VAL B 38 -23.06 -17.12 21.56
CA VAL B 38 -23.36 -15.74 21.07
C VAL B 38 -22.39 -15.39 19.98
N GLU B 39 -22.89 -15.08 18.79
CA GLU B 39 -22.00 -14.50 17.78
C GLU B 39 -22.35 -13.04 17.47
N PRO B 40 -21.48 -12.11 17.84
CA PRO B 40 -21.80 -10.70 17.61
C PRO B 40 -21.60 -10.28 16.19
N PHE B 41 -20.88 -11.12 15.45
CA PHE B 41 -20.43 -10.77 14.08
C PHE B 41 -20.70 -11.97 13.15
N VAL B 42 -21.95 -12.46 13.09
CA VAL B 42 -22.25 -13.77 12.47
C VAL B 42 -21.90 -13.88 11.01
N GLY B 43 -22.01 -12.78 10.26
CA GLY B 43 -21.82 -12.85 8.81
C GLY B 43 -22.55 -14.08 8.24
N ALA B 44 -21.84 -14.92 7.51
CA ALA B 44 -22.46 -16.06 6.82
C ALA B 44 -22.77 -17.34 7.66
N GLY B 45 -22.25 -17.42 8.88
CA GLY B 45 -22.68 -18.45 9.76
C GLY B 45 -21.88 -19.74 9.84
N SER B 46 -20.68 -19.80 9.27
CA SER B 46 -19.88 -21.01 9.40
C SER B 46 -19.75 -21.58 10.83
N VAL B 47 -19.57 -20.74 11.85
CA VAL B 47 -19.28 -21.36 13.15
C VAL B 47 -20.57 -21.98 13.70
N PHE B 48 -21.64 -21.21 13.54
CA PHE B 48 -23.01 -21.64 13.81
C PHE B 48 -23.31 -22.99 13.14
N LEU B 49 -23.02 -23.10 11.84
CA LEU B 49 -23.34 -24.28 11.05
C LEU B 49 -22.43 -25.49 11.35
N ASN B 50 -21.37 -25.29 12.12
CA ASN B 50 -20.46 -26.42 12.34
C ASN B 50 -20.17 -26.63 13.83
N THR B 51 -21.15 -26.28 14.66
CA THR B 51 -21.03 -26.53 16.10
C THR B 51 -22.31 -27.15 16.63
N ASP B 52 -22.29 -27.55 17.88
CA ASP B 52 -23.45 -28.24 18.40
C ASP B 52 -23.79 -27.60 19.70
N PHE B 53 -24.31 -26.39 19.66
CA PHE B 53 -24.67 -25.79 20.91
C PHE B 53 -26.13 -26.03 21.05
N SER B 54 -26.63 -26.11 22.29
CA SER B 54 -28.07 -26.29 22.42
C SER B 54 -28.93 -25.08 21.97
N ARG B 55 -28.39 -23.86 22.08
CA ARG B 55 -29.05 -22.62 21.56
C ARG B 55 -28.04 -21.55 21.08
N TYR B 56 -28.53 -20.57 20.32
CA TYR B 56 -27.69 -19.59 19.63
C TYR B 56 -28.34 -18.19 19.66
N ILE B 57 -27.52 -17.18 19.92
CA ILE B 57 -27.85 -15.77 19.70
C ILE B 57 -26.94 -15.27 18.59
N LEU B 58 -27.52 -14.80 17.49
CA LEU B 58 -26.75 -14.48 16.30
C LEU B 58 -27.04 -13.06 15.84
N ALA B 59 -26.00 -12.22 15.72
CA ALA B 59 -26.25 -10.80 15.49
C ALA B 59 -25.29 -10.26 14.50
N ASP B 60 -25.69 -9.18 13.83
CA ASP B 60 -24.89 -8.49 12.84
C ASP B 60 -25.43 -7.07 12.66
N ILE B 61 -24.58 -6.15 12.18
CA ILE B 61 -24.99 -4.77 11.99
C ILE B 61 -25.83 -4.65 10.70
N ASN B 62 -25.59 -5.59 9.79
CA ASN B 62 -26.18 -5.55 8.46
C ASN B 62 -27.67 -6.01 8.48
N SER B 63 -28.58 -5.10 8.19
CA SER B 63 -29.94 -5.45 8.42
C SER B 63 -30.54 -6.29 7.24
N ASP B 64 -30.01 -6.14 6.02
CA ASP B 64 -30.42 -7.02 4.91
C ASP B 64 -30.23 -8.47 5.34
N LEU B 65 -29.02 -8.75 5.84
CA LEU B 65 -28.63 -10.06 6.33
C LEU B 65 -29.55 -10.68 7.37
N ILE B 66 -29.82 -9.96 8.45
CA ILE B 66 -30.61 -10.55 9.50
C ILE B 66 -32.09 -10.75 9.00
N SER B 67 -32.54 -9.82 8.16
CA SER B 67 -33.87 -9.89 7.66
C SER B 67 -33.96 -11.17 6.84
N LEU B 68 -33.00 -11.36 5.95
CA LEU B 68 -32.90 -12.59 5.17
C LEU B 68 -32.99 -13.82 6.08
N TYR B 69 -32.27 -13.84 7.20
CA TYR B 69 -32.15 -15.03 7.97
C TYR B 69 -33.46 -15.31 8.69
N ASN B 70 -34.16 -14.29 9.16
CA ASN B 70 -35.51 -14.48 9.69
C ASN B 70 -36.49 -15.10 8.62
N ILE B 71 -36.36 -14.66 7.37
CA ILE B 71 -37.16 -15.19 6.29
C ILE B 71 -36.81 -16.64 5.93
N VAL B 72 -35.53 -17.00 5.95
CA VAL B 72 -35.14 -18.40 5.67
C VAL B 72 -35.61 -19.27 6.83
N LYS B 73 -35.64 -18.72 8.03
CA LYS B 73 -35.94 -19.51 9.22
C LYS B 73 -37.45 -19.76 9.27
N MET B 74 -38.21 -18.73 8.93
CA MET B 74 -39.60 -18.73 9.30
C MET B 74 -40.47 -19.07 8.10
N ARG B 75 -39.98 -18.82 6.89
CA ARG B 75 -40.71 -19.10 5.67
C ARG B 75 -39.92 -19.97 4.69
N THR B 76 -39.35 -21.04 5.20
CA THR B 76 -38.45 -21.85 4.42
C THR B 76 -38.87 -22.26 3.00
N ASP B 77 -39.94 -23.07 2.88
CA ASP B 77 -40.36 -23.63 1.56
C ASP B 77 -40.69 -22.57 0.57
N GLU B 78 -41.44 -21.59 1.03
CA GLU B 78 -41.85 -20.49 0.19
C GLU B 78 -40.60 -19.75 -0.34
N TYR B 79 -39.58 -19.57 0.52
CA TYR B 79 -38.34 -18.88 0.13
C TYR B 79 -37.54 -19.71 -0.88
N VAL B 80 -37.15 -20.95 -0.53
CA VAL B 80 -36.36 -21.79 -1.43
C VAL B 80 -37.07 -21.83 -2.78
N GLN B 81 -38.39 -22.05 -2.78
CA GLN B 81 -39.17 -22.08 -4.00
C GLN B 81 -38.93 -20.84 -4.84
N ALA B 82 -39.17 -19.65 -4.30
CA ALA B 82 -39.02 -18.42 -5.09
C ALA B 82 -37.54 -18.03 -5.44
N ALA B 83 -36.60 -18.30 -4.54
CA ALA B 83 -35.22 -18.00 -4.85
C ALA B 83 -34.82 -18.81 -6.07
N ARG B 84 -35.13 -20.10 -6.08
CA ARG B 84 -34.83 -20.99 -7.23
C ARG B 84 -35.14 -20.45 -8.63
N GLU B 85 -36.22 -19.69 -8.78
CA GLU B 85 -36.57 -19.15 -10.09
C GLU B 85 -35.49 -18.28 -10.64
N LEU B 86 -34.64 -17.74 -9.78
CA LEU B 86 -33.71 -16.72 -10.22
C LEU B 86 -32.43 -17.33 -10.74
N PHE B 87 -32.19 -18.60 -10.44
CA PHE B 87 -30.96 -19.24 -10.89
C PHE B 87 -31.20 -20.06 -12.13
N VAL B 88 -31.56 -19.39 -13.22
CA VAL B 88 -31.74 -20.08 -14.48
C VAL B 88 -30.72 -19.46 -15.42
N PRO B 89 -30.64 -19.97 -16.67
CA PRO B 89 -29.60 -19.30 -17.48
C PRO B 89 -29.97 -17.95 -18.09
N GLU B 90 -31.25 -17.61 -18.17
CA GLU B 90 -31.72 -16.28 -18.66
C GLU B 90 -31.25 -15.10 -17.81
N THR B 91 -30.79 -15.41 -16.58
CA THR B 91 -30.44 -14.40 -15.56
C THR B 91 -28.94 -14.22 -15.39
N ASN B 92 -28.16 -15.05 -16.07
CA ASN B 92 -26.71 -14.97 -15.97
C ASN B 92 -26.16 -14.09 -17.05
N CYS B 93 -26.66 -12.87 -17.13
CA CYS B 93 -26.06 -11.83 -17.99
C CYS B 93 -26.14 -10.44 -17.32
N ALA B 94 -25.24 -9.54 -17.70
CA ALA B 94 -25.26 -8.16 -17.22
C ALA B 94 -26.63 -7.45 -17.18
N GLU B 95 -27.30 -7.37 -18.30
CA GLU B 95 -28.53 -6.59 -18.40
C GLU B 95 -29.54 -6.98 -17.32
N VAL B 96 -29.70 -8.27 -17.10
CA VAL B 96 -30.59 -8.74 -16.07
C VAL B 96 -30.07 -8.51 -14.66
N TYR B 97 -28.81 -8.84 -14.38
CA TYR B 97 -28.15 -8.45 -13.11
C TYR B 97 -28.44 -7.00 -12.69
N TYR B 98 -28.13 -6.06 -13.58
CA TYR B 98 -28.37 -4.65 -13.31
C TYR B 98 -29.84 -4.35 -13.15
N GLN B 99 -30.69 -5.11 -13.82
CA GLN B 99 -32.11 -4.85 -13.67
C GLN B 99 -32.59 -5.28 -12.26
N PHE B 100 -32.20 -6.47 -11.82
CA PHE B 100 -32.50 -6.97 -10.50
C PHE B 100 -31.93 -6.10 -9.36
N ARG B 101 -30.72 -5.56 -9.55
CA ARG B 101 -30.06 -4.74 -8.55
C ARG B 101 -30.88 -3.53 -8.34
N GLU B 102 -31.36 -2.93 -9.42
CA GLU B 102 -32.24 -1.82 -9.29
C GLU B 102 -33.55 -2.20 -8.59
N GLU B 103 -34.18 -3.33 -8.96
CA GLU B 103 -35.36 -3.77 -8.27
C GLU B 103 -35.06 -3.89 -6.77
N PHE B 104 -33.96 -4.53 -6.41
CA PHE B 104 -33.66 -4.76 -4.99
C PHE B 104 -33.65 -3.42 -4.28
N ASN B 105 -32.84 -2.51 -4.78
CA ASN B 105 -32.69 -1.19 -4.21
C ASN B 105 -33.95 -0.36 -4.13
N LYS B 106 -34.91 -0.58 -5.06
CA LYS B 106 -36.16 0.19 -5.03
C LYS B 106 -37.22 -0.44 -4.18
N SER B 107 -37.07 -1.71 -3.81
CA SER B 107 -38.15 -2.44 -3.23
C SER B 107 -38.43 -2.14 -1.72
N GLN B 108 -39.70 -2.19 -1.30
CA GLN B 108 -39.99 -2.03 0.14
C GLN B 108 -40.43 -3.36 0.78
N ASP B 109 -40.40 -4.42 -0.02
CA ASP B 109 -40.92 -5.72 0.37
C ASP B 109 -39.84 -6.65 0.97
N PRO B 110 -39.86 -6.85 2.29
CA PRO B 110 -38.81 -7.69 2.86
C PRO B 110 -38.61 -9.04 2.17
N PHE B 111 -39.68 -9.74 1.83
CA PHE B 111 -39.57 -11.07 1.17
C PHE B 111 -38.83 -11.04 -0.19
N ARG B 112 -39.31 -10.19 -1.09
CA ARG B 112 -38.71 -9.99 -2.41
C ARG B 112 -37.22 -9.52 -2.28
N ARG B 113 -36.96 -8.54 -1.39
CA ARG B 113 -35.60 -8.16 -1.09
C ARG B 113 -34.73 -9.31 -0.68
N ALA B 114 -35.26 -10.23 0.14
CA ALA B 114 -34.44 -11.33 0.61
C ALA B 114 -34.14 -12.26 -0.53
N VAL B 115 -35.09 -12.33 -1.45
CA VAL B 115 -34.95 -13.19 -2.65
C VAL B 115 -33.93 -12.63 -3.61
N LEU B 116 -34.02 -11.37 -3.97
CA LEU B 116 -32.97 -10.76 -4.80
C LEU B 116 -31.59 -10.84 -4.13
N PHE B 117 -31.55 -10.67 -2.82
CA PHE B 117 -30.30 -10.56 -2.15
C PHE B 117 -29.42 -11.82 -2.40
N LEU B 118 -29.99 -13.02 -2.33
CA LEU B 118 -29.20 -14.25 -2.65
C LEU B 118 -28.71 -14.31 -4.12
N TYR B 119 -29.57 -13.87 -5.02
CA TYR B 119 -29.18 -13.81 -6.39
C TYR B 119 -27.94 -12.88 -6.51
N LEU B 120 -28.06 -11.64 -5.99
CA LEU B 120 -26.91 -10.71 -5.96
C LEU B 120 -25.68 -11.28 -5.30
N ASN B 121 -25.87 -11.99 -4.19
CA ASN B 121 -24.73 -12.57 -3.52
C ASN B 121 -24.02 -13.54 -4.42
N ARG B 122 -24.71 -14.19 -5.36
CA ARG B 122 -24.03 -15.29 -6.12
C ARG B 122 -23.65 -14.96 -7.54
N TYR B 123 -24.21 -13.88 -8.09
CA TYR B 123 -23.95 -13.44 -9.44
C TYR B 123 -23.08 -12.20 -9.36
N GLY B 124 -22.73 -11.82 -8.14
CA GLY B 124 -22.04 -10.57 -7.92
C GLY B 124 -20.54 -10.69 -7.79
N TYR B 125 -19.86 -9.72 -8.41
CA TYR B 125 -18.42 -9.53 -8.31
C TYR B 125 -17.91 -9.96 -6.92
N ASN B 126 -17.21 -11.09 -6.93
CA ASN B 126 -16.54 -11.67 -5.79
C ASN B 126 -17.35 -12.01 -4.56
N GLY B 127 -18.68 -12.01 -4.68
CA GLY B 127 -19.57 -12.27 -3.50
C GLY B 127 -19.50 -11.18 -2.45
N LEU B 128 -19.24 -9.98 -2.94
CA LEU B 128 -19.17 -8.85 -2.07
C LEU B 128 -20.56 -8.28 -1.74
N CYS B 129 -20.68 -7.74 -0.53
CA CYS B 129 -21.84 -7.00 -0.12
C CYS B 129 -21.38 -5.60 0.22
N ARG B 130 -21.61 -4.62 -0.64
CA ARG B 130 -21.18 -3.25 -0.33
C ARG B 130 -22.28 -2.28 -0.67
N TYR B 131 -22.19 -1.11 -0.07
CA TYR B 131 -23.15 -0.02 -0.34
C TYR B 131 -22.49 1.36 -0.56
N ASN B 132 -23.09 2.21 -1.36
CA ASN B 132 -22.59 3.60 -1.48
C ASN B 132 -23.12 4.54 -0.38
N LEU B 133 -22.81 5.82 -0.49
CA LEU B 133 -23.26 6.81 0.49
C LEU B 133 -24.76 6.96 0.48
N ARG B 134 -25.41 6.56 -0.61
CA ARG B 134 -26.83 6.65 -0.58
C ARG B 134 -27.47 5.42 0.04
N GLY B 135 -26.65 4.49 0.55
CA GLY B 135 -27.14 3.21 1.04
C GLY B 135 -27.69 2.25 -0.02
N GLU B 136 -27.39 2.44 -1.30
CA GLU B 136 -27.77 1.50 -2.36
C GLU B 136 -26.70 0.38 -2.48
N PHE B 137 -27.16 -0.85 -2.69
CA PHE B 137 -26.28 -1.99 -2.90
C PHE B 137 -25.58 -1.68 -4.19
N ASN B 138 -24.24 -1.69 -4.20
CA ASN B 138 -23.47 -1.26 -5.40
C ASN B 138 -22.42 -2.20 -5.96
N VAL B 139 -22.36 -3.46 -5.54
CA VAL B 139 -21.49 -4.44 -6.21
C VAL B 139 -21.87 -4.71 -7.69
N PRO B 140 -20.91 -4.65 -8.63
CA PRO B 140 -21.28 -4.93 -10.03
C PRO B 140 -21.37 -6.43 -10.39
N PHE B 141 -21.74 -6.71 -11.67
CA PHE B 141 -21.83 -8.08 -12.22
C PHE B 141 -20.52 -8.81 -12.11
N GLY B 142 -20.54 -10.09 -11.77
CA GLY B 142 -19.28 -10.85 -11.61
C GLY B 142 -18.92 -11.87 -12.69
N ARG B 143 -19.67 -11.90 -13.79
CA ARG B 143 -19.42 -12.81 -14.95
C ARG B 143 -18.95 -14.26 -14.57
N TYR B 144 -19.82 -15.01 -13.90
CA TYR B 144 -19.45 -16.37 -13.42
C TYR B 144 -19.91 -17.43 -14.40
N LYS B 145 -19.11 -18.50 -14.51
CA LYS B 145 -19.50 -19.77 -15.16
C LYS B 145 -21.02 -20.07 -15.07
N LYS B 146 -21.43 -20.87 -14.08
CA LYS B 146 -22.83 -21.09 -13.77
C LYS B 146 -22.89 -21.18 -12.25
N PRO B 147 -23.66 -20.28 -11.65
CA PRO B 147 -23.71 -20.24 -10.17
C PRO B 147 -24.48 -21.40 -9.57
N TYR B 148 -23.88 -21.98 -8.53
CA TYR B 148 -24.49 -22.99 -7.71
C TYR B 148 -25.68 -22.38 -6.98
N PHE B 149 -26.80 -23.10 -7.01
CA PHE B 149 -27.93 -22.71 -6.20
C PHE B 149 -27.73 -23.45 -4.89
N PRO B 150 -27.75 -22.72 -3.74
CA PRO B 150 -27.41 -23.35 -2.46
C PRO B 150 -28.58 -24.06 -1.75
N GLU B 151 -29.24 -24.95 -2.47
CA GLU B 151 -30.42 -25.69 -2.00
C GLU B 151 -30.24 -26.46 -0.69
N ALA B 152 -29.34 -27.44 -0.68
CA ALA B 152 -29.20 -28.22 0.53
C ALA B 152 -28.87 -27.30 1.69
N GLU B 153 -28.05 -26.25 1.42
CA GLU B 153 -27.46 -25.45 2.50
C GLU B 153 -28.53 -24.57 3.13
N LEU B 154 -29.38 -23.97 2.29
CA LEU B 154 -30.55 -23.32 2.79
C LEU B 154 -31.31 -24.20 3.80
N TYR B 155 -31.67 -25.41 3.40
CA TYR B 155 -32.37 -26.32 4.34
C TYR B 155 -31.58 -26.59 5.59
N HIS B 156 -30.29 -26.82 5.48
CA HIS B 156 -29.54 -27.03 6.71
C HIS B 156 -29.59 -25.78 7.64
N PHE B 157 -29.39 -24.63 7.04
CA PHE B 157 -29.56 -23.38 7.74
C PHE B 157 -30.90 -23.24 8.48
N ALA B 158 -32.00 -23.44 7.78
CA ALA B 158 -33.30 -23.28 8.45
C ALA B 158 -33.51 -24.32 9.53
N GLU B 159 -32.94 -25.50 9.36
CA GLU B 159 -33.28 -26.53 10.30
C GLU B 159 -32.55 -26.14 11.58
N LYS B 160 -31.35 -25.62 11.40
CA LYS B 160 -30.47 -25.31 12.49
C LYS B 160 -30.85 -24.01 13.19
N ALA B 161 -31.47 -23.09 12.43
CA ALA B 161 -32.02 -21.85 12.95
C ALA B 161 -33.13 -21.99 14.02
N GLN B 162 -33.75 -23.16 14.07
CA GLN B 162 -34.83 -23.43 15.03
C GLN B 162 -34.31 -23.27 16.44
N ASN B 163 -33.00 -23.45 16.63
CA ASN B 163 -32.44 -23.13 17.94
C ASN B 163 -31.70 -21.80 18.06
N ALA B 164 -32.08 -20.83 17.21
CA ALA B 164 -31.41 -19.53 17.17
C ALA B 164 -32.33 -18.30 17.21
N PHE B 165 -31.91 -17.23 17.90
CA PHE B 165 -32.45 -15.89 17.59
C PHE B 165 -31.46 -15.05 16.81
N PHE B 166 -31.98 -14.23 15.88
CA PHE B 166 -31.22 -13.24 15.16
C PHE B 166 -31.55 -11.82 15.56
N TYR B 167 -30.53 -11.02 15.89
CA TYR B 167 -30.75 -9.58 16.07
C TYR B 167 -29.90 -8.73 15.18
N CYS B 168 -30.50 -7.70 14.59
CA CYS B 168 -29.75 -6.69 13.87
C CYS B 168 -29.39 -5.64 14.89
N GLU B 169 -28.13 -5.63 15.31
CA GLU B 169 -27.58 -4.68 16.32
C GLU B 169 -26.01 -4.75 16.37
N SER B 170 -25.43 -3.69 16.97
CA SER B 170 -23.98 -3.53 17.08
C SER B 170 -23.41 -4.44 18.16
N TYR B 171 -22.15 -4.84 18.02
CA TYR B 171 -21.51 -5.80 18.90
C TYR B 171 -21.67 -5.50 20.38
N ALA B 172 -21.60 -4.24 20.80
CA ALA B 172 -21.78 -4.09 22.25
C ALA B 172 -23.17 -4.52 22.74
N ASP B 173 -24.24 -4.35 21.95
CA ASP B 173 -25.62 -4.74 22.42
C ASP B 173 -25.78 -6.27 22.48
N SER B 174 -25.31 -6.97 21.43
CA SER B 174 -25.37 -8.44 21.43
C SER B 174 -24.51 -9.04 22.55
N MET B 175 -23.27 -8.60 22.70
CA MET B 175 -22.48 -9.12 23.83
C MET B 175 -23.14 -8.91 25.20
N ALA B 176 -23.88 -7.82 25.40
CA ALA B 176 -24.60 -7.70 26.67
C ALA B 176 -25.67 -8.79 26.89
N ARG B 177 -26.04 -9.57 25.87
CA ARG B 177 -27.05 -10.59 26.12
C ARG B 177 -26.44 -11.86 26.73
N ALA B 178 -25.13 -12.06 26.61
CA ALA B 178 -24.48 -13.29 27.16
C ALA B 178 -24.68 -13.42 28.65
N ASP B 179 -24.80 -14.66 29.12
CA ASP B 179 -24.92 -14.96 30.55
C ASP B 179 -23.94 -16.06 30.93
N ASP B 180 -24.17 -16.69 32.09
CA ASP B 180 -23.23 -17.62 32.72
C ASP B 180 -23.08 -18.84 31.85
N ALA B 181 -24.19 -19.25 31.26
CA ALA B 181 -24.16 -20.45 30.45
C ALA B 181 -23.76 -20.19 28.96
N SER B 182 -23.30 -18.96 28.67
CA SER B 182 -22.96 -18.55 27.27
C SER B 182 -21.49 -18.71 27.03
N VAL B 183 -21.13 -18.76 25.74
CA VAL B 183 -19.74 -18.69 25.20
C VAL B 183 -19.80 -17.70 24.04
N VAL B 184 -18.84 -16.80 23.92
CA VAL B 184 -18.89 -15.77 22.87
C VAL B 184 -17.79 -15.99 21.84
N TYR B 185 -18.12 -15.88 20.57
CA TYR B 185 -17.11 -15.94 19.55
C TYR B 185 -17.25 -14.70 18.72
N CYS B 186 -16.17 -13.91 18.66
CA CYS B 186 -16.14 -12.69 17.81
C CYS B 186 -15.29 -12.82 16.56
N ASP B 187 -15.87 -12.56 15.41
CA ASP B 187 -15.12 -12.42 14.16
C ASP B 187 -15.32 -10.98 13.61
N PRO B 188 -14.67 -9.96 14.24
CA PRO B 188 -14.84 -8.51 13.80
C PRO B 188 -14.29 -8.38 12.42
N PRO B 189 -14.64 -7.32 11.66
CA PRO B 189 -13.91 -6.99 10.40
C PRO B 189 -12.44 -6.85 10.69
N TYR B 190 -11.59 -7.35 9.81
CA TYR B 190 -10.14 -7.38 10.08
C TYR B 190 -9.45 -6.07 10.45
N ALA B 191 -8.45 -6.14 11.34
CA ALA B 191 -7.48 -5.06 11.52
C ALA B 191 -6.74 -4.69 10.22
N PRO B 192 -6.15 -3.47 10.16
CA PRO B 192 -5.30 -3.17 8.96
C PRO B 192 -3.98 -3.98 8.85
N LEU B 193 -3.40 -3.92 7.66
CA LEU B 193 -2.05 -4.45 7.36
C LEU B 193 -0.96 -3.34 7.23
N SER B 206 -17.67 1.02 7.98
CA SER B 206 -16.26 0.71 8.19
C SER B 206 -15.97 0.75 9.72
N PHE B 207 -15.27 -0.32 10.20
CA PHE B 207 -15.07 -0.65 11.61
C PHE B 207 -13.77 0.02 12.15
N THR B 208 -13.91 0.99 13.06
CA THR B 208 -12.79 1.86 13.43
C THR B 208 -11.81 1.25 14.43
N LEU B 209 -10.54 1.69 14.43
CA LEU B 209 -9.58 1.28 15.49
C LEU B 209 -10.11 1.43 16.90
N GLU B 210 -10.85 2.50 17.17
CA GLU B 210 -11.44 2.64 18.51
C GLU B 210 -12.45 1.52 18.79
N GLN B 211 -13.18 1.08 17.76
CA GLN B 211 -14.09 -0.09 17.90
C GLN B 211 -13.36 -1.40 18.12
N GLN B 212 -12.33 -1.65 17.32
CA GLN B 212 -11.44 -2.76 17.63
C GLN B 212 -11.05 -2.84 19.08
N ALA B 213 -10.68 -1.72 19.72
CA ALA B 213 -10.17 -1.81 21.12
C ALA B 213 -11.30 -1.96 22.07
N HIS B 214 -12.42 -1.30 21.80
CA HIS B 214 -13.61 -1.46 22.62
C HIS B 214 -13.99 -2.97 22.77
N LEU B 215 -14.01 -3.70 21.65
CA LEU B 215 -14.29 -5.12 21.65
C LEU B 215 -13.43 -5.92 22.62
N ALA B 216 -12.13 -5.69 22.61
CA ALA B 216 -11.25 -6.36 23.55
C ALA B 216 -11.56 -5.95 24.98
N GLU B 217 -11.93 -4.68 25.18
CA GLU B 217 -12.32 -4.25 26.54
C GLU B 217 -13.64 -4.88 27.06
N ILE B 218 -14.65 -4.97 26.19
CA ILE B 218 -15.84 -5.73 26.56
C ILE B 218 -15.48 -7.21 26.83
N ALA B 219 -14.61 -7.84 26.02
CA ALA B 219 -14.26 -9.26 26.29
C ALA B 219 -13.67 -9.42 27.68
N GLU B 220 -12.78 -8.49 28.07
CA GLU B 220 -12.26 -8.47 29.45
C GLU B 220 -13.36 -8.38 30.53
N GLY B 221 -14.45 -7.68 30.24
CA GLY B 221 -15.50 -7.51 31.23
C GLY B 221 -16.17 -8.86 31.42
N LEU B 222 -16.26 -9.60 30.30
CA LEU B 222 -17.02 -10.83 30.26
C LEU B 222 -16.29 -11.95 30.94
N VAL B 223 -15.00 -12.13 30.63
CA VAL B 223 -14.17 -13.12 31.29
C VAL B 223 -14.22 -12.92 32.83
N GLU B 224 -14.22 -11.66 33.28
CA GLU B 224 -14.30 -11.37 34.70
C GLU B 224 -15.60 -11.88 35.34
N ARG B 225 -16.70 -11.94 34.59
CA ARG B 225 -17.93 -12.56 35.09
C ARG B 225 -18.01 -14.06 34.74
N HIS B 226 -16.88 -14.67 34.43
CA HIS B 226 -16.86 -16.14 34.21
C HIS B 226 -17.55 -16.63 32.91
N ILE B 227 -17.46 -15.79 31.87
CA ILE B 227 -17.98 -16.05 30.54
C ILE B 227 -16.82 -16.05 29.55
N PRO B 228 -16.48 -17.22 29.00
CA PRO B 228 -15.42 -17.35 27.98
C PRO B 228 -15.74 -16.55 26.71
N VAL B 229 -14.71 -16.07 26.03
CA VAL B 229 -14.80 -15.33 24.78
C VAL B 229 -13.60 -15.73 23.92
N LEU B 230 -13.79 -15.87 22.61
CA LEU B 230 -12.71 -16.20 21.73
C LEU B 230 -12.82 -15.24 20.56
N ILE B 231 -11.69 -14.60 20.19
CA ILE B 231 -11.68 -13.58 19.11
C ILE B 231 -10.74 -13.98 17.99
N SER B 232 -11.14 -13.71 16.77
CA SER B 232 -10.36 -14.04 15.61
C SER B 232 -9.89 -12.76 14.95
N ASN B 233 -8.67 -12.71 14.42
CA ASN B 233 -8.25 -11.50 13.68
C ASN B 233 -6.93 -11.75 12.98
N HIS B 234 -6.43 -10.79 12.21
CA HIS B 234 -4.99 -10.84 11.78
C HIS B 234 -3.97 -10.90 12.93
N ASP B 235 -2.80 -11.47 12.67
CA ASP B 235 -1.62 -11.30 13.59
C ASP B 235 -0.88 -10.02 13.22
N THR B 236 -0.97 -9.01 14.09
CA THR B 236 -0.23 -7.77 13.90
C THR B 236 0.12 -7.17 15.27
N MET B 237 0.93 -6.12 15.25
CA MET B 237 1.24 -5.34 16.42
C MET B 237 -0.03 -4.92 17.21
N LEU B 238 -1.00 -4.32 16.50
CA LEU B 238 -2.24 -3.82 17.10
C LEU B 238 -3.08 -4.89 17.72
N THR B 239 -3.20 -6.04 17.04
CA THR B 239 -4.01 -7.08 17.64
C THR B 239 -3.37 -7.60 18.91
N ARG B 240 -2.05 -7.82 18.88
CA ARG B 240 -1.30 -8.17 20.11
C ARG B 240 -1.48 -7.13 21.20
N GLU B 241 -1.40 -5.85 20.82
CA GLU B 241 -1.77 -4.78 21.74
C GLU B 241 -3.14 -5.00 22.37
N TRP B 242 -4.21 -4.96 21.56
CA TRP B 242 -5.61 -5.12 22.06
C TRP B 242 -5.83 -6.40 22.84
N TYR B 243 -5.30 -7.52 22.37
CA TYR B 243 -5.68 -8.78 23.03
C TYR B 243 -4.67 -9.23 24.13
N GLN B 244 -3.89 -8.26 24.62
CA GLN B 244 -2.75 -8.53 25.50
C GLN B 244 -3.15 -9.29 26.77
N ARG B 245 -4.42 -9.28 27.19
CA ARG B 245 -4.85 -10.06 28.38
C ARG B 245 -5.38 -11.46 28.04
N ALA B 246 -5.24 -11.89 26.79
CA ALA B 246 -5.74 -13.19 26.33
C ALA B 246 -4.63 -14.19 25.97
N LYS B 247 -4.88 -15.47 26.18
CA LYS B 247 -3.93 -16.50 25.78
C LYS B 247 -3.97 -16.62 24.24
N LEU B 248 -2.87 -16.28 23.57
CA LEU B 248 -2.86 -16.15 22.12
C LEU B 248 -2.36 -17.38 21.42
N HIS B 249 -2.94 -17.71 20.27
CA HIS B 249 -2.48 -18.85 19.47
C HIS B 249 -2.38 -18.41 18.04
N VAL B 250 -1.30 -18.77 17.37
CA VAL B 250 -1.04 -18.26 16.02
C VAL B 250 -1.37 -19.36 15.04
N VAL B 251 -2.10 -19.04 13.97
CA VAL B 251 -2.55 -20.04 13.01
C VAL B 251 -1.97 -19.79 11.64
N LYS B 252 -1.66 -20.86 10.91
CA LYS B 252 -0.91 -20.72 9.67
C LYS B 252 -1.80 -20.65 8.42
N VAL B 253 -1.27 -20.06 7.34
CA VAL B 253 -1.73 -20.18 5.92
C VAL B 253 -1.50 -18.88 5.12
N LYS B 266 -0.07 -15.44 2.31
CA LYS B 266 -1.20 -14.91 3.07
C LYS B 266 -0.84 -14.76 4.58
N VAL B 267 -1.35 -13.66 5.15
CA VAL B 267 -0.76 -12.91 6.30
C VAL B 267 -0.61 -13.50 7.75
N ASP B 268 -1.32 -14.59 8.09
CA ASP B 268 -1.22 -15.24 9.42
C ASP B 268 -2.34 -14.75 10.30
N GLU B 269 -2.94 -15.69 11.02
CA GLU B 269 -4.12 -15.38 11.79
C GLU B 269 -3.97 -15.60 13.27
N LEU B 270 -4.75 -14.88 14.05
CA LEU B 270 -4.63 -14.88 15.47
C LEU B 270 -5.93 -15.33 16.10
N LEU B 271 -5.83 -16.08 17.18
CA LEU B 271 -6.96 -16.50 17.96
C LEU B 271 -6.65 -16.17 19.37
N ALA B 272 -7.58 -15.46 19.98
CA ALA B 272 -7.37 -14.90 21.28
C ALA B 272 -8.41 -15.45 22.21
N LEU B 273 -7.96 -16.30 23.12
CA LEU B 273 -8.81 -16.97 24.07
C LEU B 273 -8.77 -16.22 25.37
N TYR B 274 -9.93 -15.79 25.85
CA TYR B 274 -10.09 -15.32 27.25
C TYR B 274 -10.79 -16.39 28.12
N LYS B 275 -10.03 -17.14 28.92
CA LYS B 275 -10.58 -18.21 29.77
C LYS B 275 -10.76 -17.84 31.26
N PRO B 276 -11.86 -18.28 31.90
CA PRO B 276 -11.88 -18.17 33.39
C PRO B 276 -10.92 -19.15 34.09
N LYS C 9 33.38 -9.25 12.62
CA LYS C 9 32.44 -8.07 12.76
C LYS C 9 31.66 -7.99 14.10
N ASN C 10 31.72 -6.85 14.79
CA ASN C 10 31.01 -6.67 16.04
C ASN C 10 29.52 -6.29 15.91
N ARG C 11 28.68 -6.94 16.72
CA ARG C 11 27.24 -6.77 16.75
C ARG C 11 26.82 -5.66 17.72
N ALA C 12 25.69 -5.01 17.49
CA ALA C 12 25.21 -4.04 18.46
C ALA C 12 24.46 -4.77 19.58
N PHE C 13 24.38 -4.21 20.78
CA PHE C 13 23.61 -4.88 21.78
C PHE C 13 22.08 -4.66 21.71
N LEU C 14 21.62 -3.65 20.98
CA LEU C 14 20.17 -3.50 20.74
C LEU C 14 19.82 -4.04 19.38
N LYS C 15 18.60 -4.60 19.28
CA LYS C 15 17.95 -4.85 18.01
C LYS C 15 17.31 -3.52 17.63
N TRP C 16 17.55 -3.11 16.40
CA TRP C 16 17.15 -1.78 15.95
C TRP C 16 16.79 -1.77 14.45
N ALA C 17 15.67 -1.15 14.11
CA ALA C 17 15.13 -1.22 12.74
C ALA C 17 15.96 -0.29 11.90
N GLY C 18 16.46 -0.75 10.75
CA GLY C 18 17.43 0.07 10.03
C GLY C 18 18.88 -0.17 10.47
N GLY C 19 19.07 -0.92 11.58
CA GLY C 19 20.39 -1.43 11.98
C GLY C 19 21.17 -1.80 10.72
N LYS C 20 22.31 -1.14 10.50
CA LYS C 20 23.03 -1.21 9.23
C LYS C 20 24.16 -2.23 9.19
N TYR C 21 24.02 -3.26 10.01
CA TYR C 21 24.95 -4.40 10.07
C TYR C 21 25.14 -5.17 8.74
N PRO C 22 24.00 -5.47 8.05
CA PRO C 22 24.00 -6.22 6.78
C PRO C 22 24.77 -5.55 5.62
N LEU C 23 25.32 -4.37 5.83
CA LEU C 23 26.08 -3.69 4.77
C LEU C 23 27.20 -2.76 5.23
N LEU C 24 27.87 -3.19 6.29
CA LEU C 24 29.05 -2.52 6.69
C LEU C 24 30.07 -2.45 5.57
N ASP C 25 30.25 -3.53 4.81
CA ASP C 25 31.40 -3.61 3.92
C ASP C 25 31.33 -2.46 2.93
N ASP C 26 30.14 -2.32 2.35
CA ASP C 26 29.85 -1.24 1.39
C ASP C 26 30.05 0.13 1.99
N ILE C 27 29.61 0.34 3.22
CA ILE C 27 29.83 1.64 3.87
C ILE C 27 31.31 1.91 4.17
N LYS C 28 32.01 0.90 4.65
CA LYS C 28 33.43 1.05 5.01
C LYS C 28 34.33 1.36 3.79
N ARG C 29 33.99 0.74 2.65
CA ARG C 29 34.61 1.03 1.36
C ARG C 29 34.64 2.48 1.00
N HIS C 30 33.53 3.16 1.26
CA HIS C 30 33.31 4.49 0.75
C HIS C 30 33.46 5.57 1.83
N LEU C 31 33.57 5.16 3.07
CA LEU C 31 33.66 6.13 4.15
C LEU C 31 35.09 6.58 4.35
N PRO C 32 35.38 7.87 4.09
CA PRO C 32 36.74 8.44 4.16
C PRO C 32 37.37 8.35 5.55
N LYS C 33 38.67 8.65 5.63
CA LYS C 33 39.39 8.68 6.90
C LYS C 33 39.45 10.06 7.52
N GLY C 34 39.52 10.05 8.84
CA GLY C 34 39.73 11.26 9.60
C GLY C 34 39.99 10.92 11.06
N GLU C 35 40.15 11.96 11.84
CA GLU C 35 40.32 11.83 13.28
C GLU C 35 39.02 11.45 14.04
N CYS C 36 37.89 12.01 13.58
CA CYS C 36 36.62 11.99 14.30
C CYS C 36 35.44 11.62 13.38
N LEU C 37 34.58 10.71 13.87
CA LEU C 37 33.34 10.35 13.15
C LEU C 37 32.15 10.94 13.85
N VAL C 38 31.37 11.73 13.14
CA VAL C 38 30.11 12.29 13.62
C VAL C 38 28.94 11.53 13.00
N GLU C 39 28.07 10.97 13.84
CA GLU C 39 26.88 10.25 13.36
C GLU C 39 25.68 10.95 13.94
N PRO C 40 24.96 11.77 13.13
CA PRO C 40 23.75 12.41 13.61
C PRO C 40 22.59 11.46 13.90
N PHE C 41 22.65 10.21 13.44
CA PHE C 41 21.49 9.29 13.63
C PHE C 41 22.04 7.99 14.12
N VAL C 42 22.71 7.99 15.26
CA VAL C 42 23.48 6.83 15.67
C VAL C 42 22.63 5.56 15.79
N GLY C 43 21.40 5.66 16.29
CA GLY C 43 20.57 4.46 16.48
C GLY C 43 21.39 3.44 17.23
N ALA C 44 21.54 2.24 16.65
CA ALA C 44 22.13 1.11 17.41
C ALA C 44 23.65 1.08 17.40
N GLY C 45 24.28 1.79 16.47
CA GLY C 45 25.69 2.07 16.61
C GLY C 45 26.66 1.21 15.83
N SER C 46 26.13 0.45 14.87
CA SER C 46 26.91 -0.52 14.15
C SER C 46 28.02 0.10 13.34
N VAL C 47 27.84 1.26 12.75
CA VAL C 47 28.99 1.89 12.14
C VAL C 47 30.08 2.23 13.16
N PHE C 48 29.72 3.06 14.14
CA PHE C 48 30.51 3.28 15.35
C PHE C 48 31.29 2.05 15.79
N LEU C 49 30.61 0.94 16.08
CA LEU C 49 31.26 -0.29 16.59
C LEU C 49 32.13 -1.08 15.59
N ASN C 50 32.28 -0.63 14.34
CA ASN C 50 33.07 -1.41 13.34
C ASN C 50 33.99 -0.48 12.56
N THR C 51 34.47 0.55 13.23
CA THR C 51 35.45 1.44 12.63
C THR C 51 36.45 1.80 13.71
N ASP C 52 37.52 2.44 13.28
CA ASP C 52 38.61 2.75 14.19
C ASP C 52 38.94 4.25 14.19
N PHE C 53 37.92 5.10 14.34
CA PHE C 53 38.23 6.52 14.48
C PHE C 53 38.86 6.82 15.84
N SER C 54 39.73 7.80 15.85
CA SER C 54 40.32 8.27 17.08
C SER C 54 39.20 8.73 18.06
N ARG C 55 38.24 9.55 17.61
CA ARG C 55 37.08 9.86 18.47
C ARG C 55 35.72 9.82 17.77
N TYR C 56 34.64 9.82 18.56
CA TYR C 56 33.30 9.84 17.99
C TYR C 56 32.37 10.91 18.55
N ILE C 57 31.65 11.64 17.71
CA ILE C 57 30.45 12.34 18.18
C ILE C 57 29.15 11.57 17.74
N LEU C 58 28.36 11.09 18.70
CA LEU C 58 27.19 10.27 18.36
C LEU C 58 25.89 10.83 18.93
N ALA C 59 24.90 11.04 18.07
CA ALA C 59 23.68 11.73 18.45
C ALA C 59 22.42 11.05 17.88
N ASP C 60 21.27 11.34 18.51
CA ASP C 60 19.96 10.80 18.18
C ASP C 60 18.88 11.66 18.82
N ILE C 61 17.69 11.71 18.21
CA ILE C 61 16.58 12.44 18.79
C ILE C 61 15.96 11.68 19.97
N ASN C 62 16.31 10.43 20.13
CA ASN C 62 15.58 9.55 21.07
C ASN C 62 16.27 9.70 22.38
N SER C 63 15.59 10.38 23.29
CA SER C 63 16.20 10.67 24.57
C SER C 63 16.48 9.45 25.43
N ASP C 64 15.68 8.37 25.31
CA ASP C 64 15.83 7.15 26.13
C ASP C 64 17.06 6.42 25.67
N LEU C 65 17.33 6.52 24.37
CA LEU C 65 18.47 5.82 23.81
C LEU C 65 19.77 6.45 24.25
N ILE C 66 19.84 7.78 24.18
CA ILE C 66 21.06 8.46 24.46
C ILE C 66 21.32 8.19 25.95
N SER C 67 20.25 8.23 26.73
CA SER C 67 20.42 8.14 28.18
C SER C 67 20.92 6.73 28.57
N LEU C 68 20.44 5.72 27.86
CA LEU C 68 20.97 4.40 28.07
C LEU C 68 22.45 4.41 27.75
N TYR C 69 22.81 4.92 26.58
CA TYR C 69 24.20 4.96 26.21
C TYR C 69 25.13 5.63 27.25
N ASN C 70 24.72 6.78 27.83
CA ASN C 70 25.56 7.48 28.83
C ASN C 70 25.76 6.59 30.05
N ILE C 71 24.70 5.87 30.40
CA ILE C 71 24.73 4.91 31.50
C ILE C 71 25.70 3.78 31.20
N VAL C 72 25.68 3.31 29.97
CA VAL C 72 26.51 2.19 29.68
C VAL C 72 27.94 2.61 29.69
N LYS C 73 28.21 3.86 29.27
CA LYS C 73 29.57 4.42 29.26
C LYS C 73 30.14 4.55 30.68
N MET C 74 29.34 5.08 31.60
CA MET C 74 29.81 5.59 32.90
C MET C 74 29.57 4.64 34.06
N ARG C 75 28.67 3.66 33.91
CA ARG C 75 28.33 2.71 35.00
C ARG C 75 28.29 1.23 34.52
N THR C 76 29.32 0.84 33.79
CA THR C 76 29.27 -0.37 32.98
C THR C 76 28.88 -1.58 33.79
N ASP C 77 29.70 -1.88 34.79
CA ASP C 77 29.50 -3.04 35.65
C ASP C 77 28.18 -3.01 36.43
N GLU C 78 27.87 -1.87 37.06
CA GLU C 78 26.61 -1.70 37.76
C GLU C 78 25.45 -2.03 36.84
N TYR C 79 25.48 -1.44 35.63
CA TYR C 79 24.44 -1.68 34.61
C TYR C 79 24.32 -3.16 34.16
N VAL C 80 25.42 -3.76 33.74
CA VAL C 80 25.36 -5.12 33.24
C VAL C 80 24.83 -6.06 34.32
N GLN C 81 25.26 -5.89 35.59
CA GLN C 81 24.80 -6.82 36.63
C GLN C 81 23.27 -6.67 36.83
N ALA C 82 22.76 -5.43 36.78
CA ALA C 82 21.34 -5.18 36.98
C ALA C 82 20.53 -5.76 35.82
N ALA C 83 20.91 -5.42 34.59
CA ALA C 83 20.22 -5.88 33.38
C ALA C 83 20.23 -7.37 33.15
N ARG C 84 21.23 -8.09 33.68
CA ARG C 84 21.23 -9.56 33.52
C ARG C 84 20.10 -10.21 34.31
N GLU C 85 19.78 -9.63 35.46
CA GLU C 85 18.75 -10.14 36.35
C GLU C 85 17.33 -10.12 35.79
N LEU C 86 17.11 -9.51 34.62
CA LEU C 86 15.80 -9.61 33.92
C LEU C 86 15.79 -10.56 32.71
N PHE C 87 16.92 -11.21 32.46
CA PHE C 87 17.00 -12.09 31.31
C PHE C 87 16.92 -13.52 31.81
N VAL C 88 16.02 -13.76 32.77
CA VAL C 88 15.81 -15.11 33.33
C VAL C 88 14.47 -15.72 32.86
N PRO C 89 14.38 -17.08 32.81
CA PRO C 89 13.13 -17.77 32.34
C PRO C 89 11.80 -17.24 32.95
N GLU C 90 11.76 -16.91 34.25
CA GLU C 90 10.57 -16.31 34.89
C GLU C 90 9.99 -15.10 34.14
N THR C 91 10.77 -14.43 33.30
CA THR C 91 10.29 -13.17 32.72
C THR C 91 9.75 -13.28 31.33
N ASN C 92 10.04 -14.38 30.63
CA ASN C 92 9.58 -14.53 29.26
C ASN C 92 8.08 -14.83 29.17
N CYS C 93 7.24 -13.84 29.47
CA CYS C 93 5.81 -13.98 29.40
C CYS C 93 5.09 -12.61 29.43
N ALA C 94 3.98 -12.59 28.69
CA ALA C 94 3.11 -11.44 28.57
C ALA C 94 2.84 -10.80 29.92
N GLU C 95 2.65 -11.61 30.96
CA GLU C 95 2.22 -11.02 32.22
C GLU C 95 3.36 -10.12 32.76
N VAL C 96 4.58 -10.64 32.70
CA VAL C 96 5.72 -9.93 33.23
C VAL C 96 6.13 -8.75 32.34
N TYR C 97 6.07 -8.99 31.04
CA TYR C 97 6.36 -7.96 30.07
C TYR C 97 5.51 -6.71 30.26
N TYR C 98 4.19 -6.81 30.36
CA TYR C 98 3.34 -5.62 30.52
C TYR C 98 3.57 -4.99 31.87
N GLN C 99 3.92 -5.81 32.84
CA GLN C 99 4.27 -5.29 34.14
C GLN C 99 5.54 -4.42 34.02
N PHE C 100 6.57 -4.93 33.31
CA PHE C 100 7.80 -4.15 33.13
C PHE C 100 7.57 -2.88 32.27
N ARG C 101 6.69 -3.01 31.29
CA ARG C 101 6.44 -1.91 30.43
C ARG C 101 5.77 -0.77 31.18
N GLU C 102 4.86 -1.06 32.09
CA GLU C 102 4.18 -0.03 32.88
C GLU C 102 5.14 0.60 33.87
N GLU C 103 6.04 -0.22 34.42
CA GLU C 103 7.04 0.32 35.32
C GLU C 103 7.90 1.34 34.57
N PHE C 104 8.35 0.99 33.37
CA PHE C 104 9.15 1.89 32.59
C PHE C 104 8.40 3.20 32.34
N ASN C 105 7.16 3.15 31.86
CA ASN C 105 6.47 4.39 31.60
C ASN C 105 6.22 5.25 32.86
N LYS C 106 6.17 4.66 34.06
CA LYS C 106 5.99 5.41 35.31
C LYS C 106 7.27 5.83 36.02
N SER C 107 8.34 5.08 35.81
CA SER C 107 9.58 5.42 36.43
C SER C 107 10.14 6.80 36.02
N GLN C 108 10.66 7.55 37.00
CA GLN C 108 11.39 8.82 36.77
C GLN C 108 12.89 8.67 37.05
N ASP C 109 13.39 7.46 37.29
CA ASP C 109 14.82 7.21 37.53
C ASP C 109 15.57 6.73 36.26
N PRO C 110 16.55 7.50 35.74
CA PRO C 110 17.22 7.09 34.46
C PRO C 110 17.81 5.69 34.45
N PHE C 111 18.41 5.30 35.57
CA PHE C 111 19.09 4.03 35.62
C PHE C 111 18.10 2.83 35.50
N ARG C 112 17.01 2.85 36.25
CA ARG C 112 16.06 1.73 36.25
C ARG C 112 15.35 1.70 34.87
N ARG C 113 14.99 2.89 34.38
CA ARG C 113 14.56 3.05 33.00
C ARG C 113 15.47 2.37 31.97
N ALA C 114 16.76 2.46 32.14
CA ALA C 114 17.65 1.94 31.14
C ALA C 114 17.78 0.43 31.31
N VAL C 115 17.53 -0.06 32.51
CA VAL C 115 17.57 -1.52 32.73
C VAL C 115 16.36 -2.12 32.01
N LEU C 116 15.18 -1.55 32.25
CA LEU C 116 13.97 -1.94 31.57
C LEU C 116 14.02 -1.80 30.03
N PHE C 117 14.65 -0.72 29.53
CA PHE C 117 14.70 -0.44 28.09
C PHE C 117 15.31 -1.61 27.34
N LEU C 118 16.34 -2.23 27.90
CA LEU C 118 17.05 -3.29 27.20
C LEU C 118 16.16 -4.55 27.15
N TYR C 119 15.46 -4.82 28.25
CA TYR C 119 14.46 -5.88 28.30
C TYR C 119 13.36 -5.61 27.23
N LEU C 120 12.63 -4.52 27.32
CA LEU C 120 11.74 -4.10 26.22
C LEU C 120 12.27 -4.29 24.80
N ASN C 121 13.54 -3.99 24.53
CA ASN C 121 14.08 -4.14 23.18
C ASN C 121 14.22 -5.62 22.79
N ARG C 122 14.50 -6.49 23.75
CA ARG C 122 14.84 -7.90 23.43
C ARG C 122 13.62 -8.86 23.57
N TYR C 123 12.61 -8.42 24.32
CA TYR C 123 11.37 -9.17 24.55
C TYR C 123 10.12 -8.66 23.77
N GLY C 124 10.17 -7.48 23.13
CA GLY C 124 8.96 -6.92 22.50
C GLY C 124 8.90 -7.15 21.00
N TYR C 125 7.73 -6.89 20.42
CA TYR C 125 7.45 -7.16 19.02
C TYR C 125 8.50 -6.60 18.06
N ASN C 126 9.23 -7.50 17.39
CA ASN C 126 10.29 -7.16 16.40
C ASN C 126 11.46 -6.21 16.87
N GLY C 127 11.67 -6.08 18.18
CA GLY C 127 12.66 -5.13 18.68
C GLY C 127 12.36 -3.69 18.30
N LEU C 128 11.09 -3.34 18.27
CA LEU C 128 10.72 -2.03 17.77
C LEU C 128 10.80 -1.06 18.93
N CYS C 129 11.00 0.21 18.61
CA CYS C 129 10.90 1.26 19.62
C CYS C 129 9.78 2.21 19.29
N ARG C 130 8.66 2.18 19.97
CA ARG C 130 7.58 3.09 19.55
C ARG C 130 6.84 3.74 20.73
N TYR C 131 6.23 4.89 20.47
CA TYR C 131 5.58 5.68 21.53
C TYR C 131 4.17 6.09 21.14
N ASN C 132 3.19 5.99 22.05
CA ASN C 132 1.88 6.60 21.77
C ASN C 132 1.94 8.12 21.87
N LEU C 133 0.83 8.81 21.62
CA LEU C 133 0.81 10.30 21.60
C LEU C 133 1.03 10.93 22.97
N ARG C 134 0.90 10.12 24.01
CA ARG C 134 1.22 10.59 25.34
C ARG C 134 2.67 10.42 25.64
N GLY C 135 3.50 9.96 24.72
CA GLY C 135 4.90 9.71 25.09
C GLY C 135 5.16 8.35 25.73
N GLU C 136 4.14 7.52 25.94
CA GLU C 136 4.38 6.18 26.52
C GLU C 136 4.88 5.15 25.51
N PHE C 137 5.90 4.41 25.92
CA PHE C 137 6.40 3.31 25.11
C PHE C 137 5.27 2.29 24.98
N ASN C 138 4.95 1.88 23.76
CA ASN C 138 3.71 1.14 23.53
C ASN C 138 3.85 -0.07 22.58
N VAL C 139 5.01 -0.68 22.54
CA VAL C 139 5.24 -1.91 21.79
C VAL C 139 4.74 -3.11 22.60
N PRO C 140 3.91 -3.98 21.98
CA PRO C 140 3.41 -5.20 22.71
C PRO C 140 4.45 -6.32 22.86
N PHE C 141 4.11 -7.39 23.55
CA PHE C 141 4.93 -8.59 23.69
C PHE C 141 5.28 -9.28 22.35
N GLY C 142 6.55 -9.68 22.17
CA GLY C 142 7.01 -10.26 20.91
C GLY C 142 6.99 -11.78 20.81
N ARG C 143 6.63 -12.44 21.92
CA ARG C 143 6.56 -13.94 21.97
C ARG C 143 7.78 -14.60 21.31
N TYR C 144 8.82 -14.86 22.10
CA TYR C 144 10.13 -15.27 21.55
C TYR C 144 10.64 -16.55 22.14
N LYS C 145 11.39 -17.26 21.29
CA LYS C 145 12.14 -18.50 21.62
C LYS C 145 12.87 -18.42 22.98
N LYS C 146 14.02 -17.76 23.00
CA LYS C 146 14.79 -17.55 24.23
C LYS C 146 15.64 -16.37 23.88
N PRO C 147 15.39 -15.20 24.51
CA PRO C 147 16.12 -14.01 24.03
C PRO C 147 17.57 -14.09 24.52
N TYR C 148 18.45 -13.52 23.74
CA TYR C 148 19.83 -13.58 24.08
C TYR C 148 20.10 -12.36 24.94
N PHE C 149 20.64 -12.56 26.14
CA PHE C 149 21.24 -11.42 26.87
C PHE C 149 22.59 -11.09 26.28
N PRO C 150 22.77 -9.89 25.69
CA PRO C 150 23.98 -9.53 24.92
C PRO C 150 25.16 -8.97 25.75
N GLU C 151 25.61 -9.76 26.74
CA GLU C 151 26.77 -9.41 27.57
C GLU C 151 28.04 -9.00 26.79
N ALA C 152 28.52 -9.85 25.86
CA ALA C 152 29.76 -9.55 25.18
C ALA C 152 29.70 -8.13 24.51
N GLU C 153 28.58 -7.90 23.82
CA GLU C 153 28.33 -6.68 23.05
C GLU C 153 28.20 -5.42 23.91
N LEU C 154 27.52 -5.55 25.04
CA LEU C 154 27.53 -4.51 26.05
C LEU C 154 28.95 -4.09 26.49
N TYR C 155 29.85 -5.04 26.73
CA TYR C 155 31.23 -4.74 27.19
C TYR C 155 32.00 -4.12 26.05
N HIS C 156 31.80 -4.66 24.85
CA HIS C 156 32.42 -4.06 23.70
C HIS C 156 31.98 -2.58 23.45
N PHE C 157 30.69 -2.26 23.65
CA PHE C 157 30.18 -0.91 23.47
C PHE C 157 30.71 0.05 24.56
N ALA C 158 30.71 -0.39 25.82
CA ALA C 158 31.28 0.41 26.91
C ALA C 158 32.79 0.79 26.70
N GLU C 159 33.58 -0.23 26.32
CA GLU C 159 34.99 -0.06 26.08
C GLU C 159 35.12 0.97 24.98
N LYS C 160 34.28 0.82 23.98
CA LYS C 160 34.41 1.64 22.79
C LYS C 160 33.86 3.09 23.03
N ALA C 161 32.92 3.22 23.96
CA ALA C 161 32.33 4.50 24.33
C ALA C 161 33.30 5.45 25.02
N GLN C 162 34.41 4.92 25.51
CA GLN C 162 35.42 5.79 26.20
C GLN C 162 35.98 6.86 25.24
N ASN C 163 35.77 6.64 23.95
CA ASN C 163 36.15 7.68 23.00
C ASN C 163 35.00 8.46 22.33
N ALA C 164 33.83 8.47 22.99
CA ALA C 164 32.68 9.10 22.41
C ALA C 164 31.98 10.06 23.35
N PHE C 165 31.41 11.11 22.77
CA PHE C 165 30.36 11.82 23.46
C PHE C 165 29.00 11.59 22.79
N PHE C 166 27.96 11.41 23.58
CA PHE C 166 26.64 11.15 23.11
C PHE C 166 25.79 12.37 23.38
N TYR C 167 25.00 12.82 22.41
CA TYR C 167 24.14 13.96 22.61
C TYR C 167 22.72 13.61 22.19
N CYS C 168 21.72 14.19 22.87
CA CYS C 168 20.35 14.05 22.43
C CYS C 168 19.91 15.33 21.74
N GLU C 169 20.13 15.43 20.43
CA GLU C 169 19.64 16.56 19.67
C GLU C 169 19.35 16.19 18.19
N SER C 170 18.76 17.14 17.43
CA SER C 170 18.32 16.90 16.05
C SER C 170 19.52 16.98 15.12
N TYR C 171 19.46 16.38 13.92
CA TYR C 171 20.63 16.28 13.01
C TYR C 171 21.32 17.65 12.74
N ALA C 172 20.57 18.74 12.61
CA ALA C 172 21.22 20.01 12.36
C ALA C 172 22.18 20.48 13.48
N ASP C 173 21.90 20.15 14.76
CA ASP C 173 22.83 20.48 15.86
C ASP C 173 24.03 19.63 15.89
N SER C 174 23.85 18.32 15.81
CA SER C 174 25.02 17.45 15.83
C SER C 174 25.89 17.60 14.57
N MET C 175 25.31 17.89 13.41
CA MET C 175 26.18 18.13 12.24
C MET C 175 26.97 19.45 12.36
N ALA C 176 26.41 20.45 13.02
CA ALA C 176 27.23 21.64 13.38
C ALA C 176 28.49 21.38 14.31
N ARG C 177 28.55 20.27 15.05
CA ARG C 177 29.74 20.05 15.84
C ARG C 177 30.89 19.53 15.00
N ALA C 178 30.63 19.21 13.75
CA ALA C 178 31.68 18.63 12.92
C ALA C 178 32.69 19.72 12.49
N ASP C 179 33.98 19.36 12.42
CA ASP C 179 35.06 20.30 12.00
C ASP C 179 36.08 19.71 11.01
N ASP C 180 37.12 20.49 10.67
CA ASP C 180 38.13 20.12 9.61
C ASP C 180 38.66 18.70 9.74
N ALA C 181 38.71 18.20 10.96
CA ALA C 181 39.20 16.85 11.23
C ALA C 181 38.08 15.73 11.30
N SER C 182 36.82 16.09 11.06
CA SER C 182 35.71 15.15 11.20
C SER C 182 35.29 14.54 9.86
N VAL C 183 34.63 13.39 9.96
CA VAL C 183 33.90 12.78 8.83
C VAL C 183 32.47 12.60 9.34
N VAL C 184 31.48 12.75 8.46
CA VAL C 184 30.09 12.63 8.92
C VAL C 184 29.40 11.55 8.17
N TYR C 185 28.89 10.54 8.90
CA TYR C 185 28.03 9.52 8.31
C TYR C 185 26.56 9.70 8.73
N CYS C 186 25.70 9.90 7.72
CA CYS C 186 24.26 10.05 7.97
C CYS C 186 23.44 8.86 7.56
N ASP C 187 22.61 8.33 8.45
CA ASP C 187 21.72 7.23 8.12
C ASP C 187 20.29 7.58 8.60
N PRO C 188 19.61 8.52 7.92
CA PRO C 188 18.31 9.06 8.37
C PRO C 188 17.24 7.99 8.31
N PRO C 189 16.08 8.21 8.91
CA PRO C 189 14.94 7.26 8.67
C PRO C 189 14.66 7.17 7.15
N TYR C 190 14.42 5.96 6.62
CA TYR C 190 14.34 5.85 5.16
C TYR C 190 13.23 6.72 4.50
N ALA C 191 13.55 7.24 3.32
CA ALA C 191 12.56 7.76 2.40
C ALA C 191 11.35 6.81 2.13
N PRO C 192 10.18 7.41 1.87
CA PRO C 192 9.01 6.57 1.51
C PRO C 192 9.22 5.87 0.16
N LEU C 193 8.69 4.65 0.00
CA LEU C 193 8.47 4.11 -1.39
C LEU C 193 7.05 4.40 -1.97
N ASN C 205 3.46 11.56 11.81
CA ASN C 205 4.51 12.21 12.63
C ASN C 205 6.02 12.08 12.08
N SER C 206 6.96 11.55 12.90
CA SER C 206 8.30 11.14 12.40
C SER C 206 9.03 12.20 11.49
N PHE C 207 9.75 11.70 10.49
CA PHE C 207 10.81 12.43 9.79
C PHE C 207 10.34 12.90 8.42
N THR C 208 10.21 14.20 8.21
CA THR C 208 9.52 14.69 6.99
C THR C 208 10.37 14.88 5.73
N LEU C 209 9.70 14.86 4.58
CA LEU C 209 10.34 15.22 3.35
C LEU C 209 11.09 16.56 3.43
N GLU C 210 10.56 17.55 4.15
CA GLU C 210 11.35 18.79 4.25
C GLU C 210 12.68 18.56 4.97
N GLN C 211 12.69 17.63 5.91
CA GLN C 211 13.90 17.45 6.64
C GLN C 211 14.88 16.69 5.81
N GLN C 212 14.39 15.71 5.04
CA GLN C 212 15.22 14.88 4.18
C GLN C 212 15.98 15.87 3.24
N ALA C 213 15.28 16.90 2.74
CA ALA C 213 15.93 17.79 1.77
C ALA C 213 16.85 18.71 2.51
N HIS C 214 16.51 18.99 3.74
CA HIS C 214 17.35 19.82 4.55
C HIS C 214 18.67 19.10 4.81
N LEU C 215 18.59 17.79 5.03
CA LEU C 215 19.76 17.03 5.38
C LEU C 215 20.79 17.17 4.27
N ALA C 216 20.34 17.04 3.01
CA ALA C 216 21.23 17.12 1.84
C ALA C 216 21.84 18.51 1.78
N GLU C 217 21.03 19.51 2.06
CA GLU C 217 21.53 20.90 2.02
C GLU C 217 22.63 21.10 3.06
N ILE C 218 22.41 20.67 4.29
CA ILE C 218 23.46 20.79 5.25
C ILE C 218 24.76 20.10 4.78
N ALA C 219 24.60 18.93 4.16
CA ALA C 219 25.75 18.20 3.65
C ALA C 219 26.51 19.02 2.59
N GLU C 220 25.78 19.72 1.71
CA GLU C 220 26.40 20.62 0.71
C GLU C 220 27.28 21.67 1.41
N GLY C 221 26.76 22.25 2.48
CA GLY C 221 27.54 23.18 3.27
C GLY C 221 28.77 22.55 3.87
N LEU C 222 28.72 21.26 4.24
CA LEU C 222 29.88 20.71 4.92
C LEU C 222 30.98 20.36 3.95
N VAL C 223 30.62 19.88 2.78
CA VAL C 223 31.64 19.59 1.77
C VAL C 223 32.26 20.86 1.19
N GLU C 224 31.56 21.99 1.14
CA GLU C 224 32.25 23.14 0.63
C GLU C 224 33.25 23.63 1.66
N ARG C 225 33.19 23.14 2.90
CA ARG C 225 34.18 23.49 3.91
C ARG C 225 35.21 22.40 4.09
N HIS C 226 35.31 21.51 3.10
CA HIS C 226 36.29 20.39 3.14
C HIS C 226 36.03 19.35 4.27
N ILE C 227 34.78 19.28 4.76
CA ILE C 227 34.36 18.18 5.63
C ILE C 227 33.65 17.16 4.76
N PRO C 228 34.12 15.93 4.75
CA PRO C 228 33.42 14.90 3.96
C PRO C 228 32.07 14.39 4.60
N VAL C 229 31.08 14.02 3.78
CA VAL C 229 29.84 13.50 4.31
C VAL C 229 29.39 12.27 3.50
N LEU C 230 28.95 11.20 4.17
CA LEU C 230 28.36 10.06 3.48
C LEU C 230 26.92 9.81 3.97
N ILE C 231 25.95 9.68 3.06
CA ILE C 231 24.57 9.43 3.46
C ILE C 231 24.05 8.07 2.93
N SER C 232 23.33 7.33 3.75
CA SER C 232 22.68 6.16 3.18
C SER C 232 21.16 6.30 3.14
N ASN C 233 20.49 5.62 2.19
CA ASN C 233 19.01 5.71 2.03
C ASN C 233 18.50 4.70 1.00
N HIS C 234 17.20 4.64 0.72
CA HIS C 234 16.75 3.85 -0.44
C HIS C 234 17.14 4.59 -1.73
N ASP C 235 17.12 3.84 -2.85
CA ASP C 235 17.29 4.41 -4.23
C ASP C 235 15.90 4.76 -4.78
N THR C 236 15.61 6.03 -4.97
CA THR C 236 14.30 6.41 -5.45
C THR C 236 14.46 7.67 -6.23
N MET C 237 13.36 8.08 -6.84
CA MET C 237 13.31 9.30 -7.52
C MET C 237 13.65 10.45 -6.55
N LEU C 238 13.02 10.45 -5.38
CA LEU C 238 13.26 11.54 -4.42
C LEU C 238 14.71 11.57 -3.83
N THR C 239 15.30 10.39 -3.59
CA THR C 239 16.67 10.41 -3.09
C THR C 239 17.68 10.88 -4.11
N ARG C 240 17.48 10.55 -5.38
CA ARG C 240 18.37 11.09 -6.42
C ARG C 240 18.14 12.57 -6.63
N GLU C 241 16.94 13.05 -6.42
CA GLU C 241 16.75 14.50 -6.46
C GLU C 241 17.56 15.17 -5.33
N TRP C 242 17.37 14.76 -4.05
CA TRP C 242 18.02 15.42 -2.92
C TRP C 242 19.52 15.34 -3.01
N TYR C 243 20.05 14.15 -3.24
CA TYR C 243 21.50 13.96 -3.27
C TYR C 243 22.12 14.15 -4.70
N GLN C 244 21.45 14.90 -5.58
CA GLN C 244 22.00 15.20 -6.88
C GLN C 244 23.47 15.79 -6.95
N ARG C 245 24.12 16.12 -5.83
CA ARG C 245 25.45 16.73 -5.90
C ARG C 245 26.49 15.78 -5.35
N ALA C 246 26.01 14.69 -4.81
CA ALA C 246 26.95 13.73 -4.27
C ALA C 246 27.44 12.83 -5.45
N LYS C 247 28.49 12.01 -5.20
CA LYS C 247 28.75 10.87 -6.11
C LYS C 247 27.84 9.75 -5.67
N LEU C 248 27.08 9.20 -6.59
CA LEU C 248 26.15 8.17 -6.20
C LEU C 248 26.62 6.76 -6.47
N HIS C 249 26.39 5.88 -5.51
CA HIS C 249 26.72 4.46 -5.64
C HIS C 249 25.50 3.65 -5.28
N VAL C 250 25.09 2.73 -6.14
CA VAL C 250 23.92 1.91 -5.87
C VAL C 250 24.43 0.63 -5.27
N VAL C 251 23.71 0.07 -4.28
CA VAL C 251 24.11 -1.20 -3.65
C VAL C 251 22.97 -2.23 -3.57
N LYS C 252 23.36 -3.50 -3.74
CA LYS C 252 22.43 -4.63 -3.97
C LYS C 252 21.88 -5.33 -2.71
N VAL C 253 20.58 -5.66 -2.78
CA VAL C 253 19.88 -6.66 -1.89
C VAL C 253 18.43 -6.97 -2.37
N VAL C 267 14.35 -3.15 -1.72
CA VAL C 267 14.83 -2.70 -3.03
C VAL C 267 16.30 -2.30 -2.94
N ASP C 268 16.72 -1.35 -3.77
CA ASP C 268 18.13 -0.97 -3.82
C ASP C 268 18.47 0.11 -2.80
N GLU C 269 19.66 -0.04 -2.24
CA GLU C 269 20.21 0.91 -1.32
C GLU C 269 21.10 1.86 -2.08
N LEU C 270 21.09 3.12 -1.68
CA LEU C 270 21.89 4.18 -2.30
C LEU C 270 22.94 4.67 -1.30
N LEU C 271 24.15 5.03 -1.76
CA LEU C 271 25.15 5.66 -0.90
C LEU C 271 25.56 6.96 -1.55
N ALA C 272 25.51 8.06 -0.82
CA ALA C 272 25.78 9.36 -1.44
C ALA C 272 26.97 9.99 -0.72
N LEU C 273 28.01 10.28 -1.50
CA LEU C 273 29.31 10.65 -0.92
C LEU C 273 29.66 12.01 -1.43
N TYR C 274 29.90 12.93 -0.50
CA TYR C 274 30.33 14.29 -0.79
C TYR C 274 31.81 14.36 -0.37
N LYS C 275 32.74 14.16 -1.34
CA LYS C 275 34.21 14.26 -1.14
C LYS C 275 34.77 15.60 -1.59
N PRO C 276 35.39 16.36 -0.68
CA PRO C 276 36.00 17.66 -1.03
C PRO C 276 37.35 17.49 -1.71
#